data_7UL0
#
_entry.id   7UL0
#
_cell.length_a   81.771
_cell.length_b   100.709
_cell.length_c   106.019
_cell.angle_alpha   90.000
_cell.angle_beta   90.000
_cell.angle_gamma   90.000
#
_symmetry.space_group_name_H-M   'P 21 2 21'
#
loop_
_entity.id
_entity.type
_entity.pdbx_description
1 polymer 'Spike protein S1'
2 polymer 'Heavy chain of EH8'
3 polymer 'Light chain of EH8'
4 branched 2-acetamido-2-deoxy-beta-D-glucopyranose-(1-4)-2-acetamido-2-deoxy-beta-D-glucopyranose
5 non-polymer 2-acetamido-2-deoxy-beta-D-glucopyranose
6 non-polymer 'SODIUM ION'
7 water water
#
loop_
_entity_poly.entity_id
_entity_poly.type
_entity_poly.pdbx_seq_one_letter_code
_entity_poly.pdbx_strand_id
1 'polypeptide(L)'
;RVQPTESIVRFPNITNLCPFGEVFNATRFASVYAWNRKRISNCVADYSVLYNSASFSTFKCYGVSPTKLNDLCFTNVYAD
SFVIRGDEVRQIAPGQTGKIADYNYKLPDDFTGCVIAWNSNNLDSKVGGNYNYLYRLFRKSNLKPFERDISTEIYQAGST
PCNGVEGFNCYFPLQSYGFQPTNGVGYQPYRVVVLSFELLHAPATVCGPKKSTNLVKNK
;
A
2 'polypeptide(L)'
;QVQLVQSGAEVKKPGASVKVSCKASGYTFSSYGISWVRQAPGQGLEWMGWISPYNGNTKYPQKFQGRVTMTTDTSTNTAY
MELRSLRSDDTAVYYCARDLELGGGFDYWGQGTLVTVSSASTKGPSVFPLAPSSKSTSGGTAALGCLVKDYFPEPVTVSW
NSGALTSGVHTFPAVLQSSGLYSLSSVVTVPSSSLGTQTYICNVNHKPSNTKVDKKVEPKSC
;
H
3 'polypeptide(L)'
;QSALTQPASVSGSPGQSITISCTGTSSDVGSYNLVSWYQQHPDKAPKFMIYEGTKRPSGVSNRFSGSKSGNTASLTISGL
QAEDEADYYCCSYAGNSTWVFGGGTKLTVLRTVAAPSVFIFPPSDEQLKSGTASVVCLLNNFYPREAKVQWKVDNALQSG
NSQESVTEQDSKDSTYSLSSTLTLSKADYEKHKVYACEVTHQGLSSPVTKSFNRGEC
;
L
#
loop_
_chem_comp.id
_chem_comp.type
_chem_comp.name
_chem_comp.formula
NA non-polymer 'SODIUM ION' 'Na 1'
NAG D-saccharide, beta linking 2-acetamido-2-deoxy-beta-D-glucopyranose 'C8 H15 N O6'
#
# COMPACT_ATOMS: atom_id res chain seq x y z
N ASN A 16 -24.22 -61.74 17.04
CA ASN A 16 -25.32 -61.62 16.08
C ASN A 16 -26.19 -60.41 16.38
N LEU A 17 -25.57 -59.36 16.92
CA LEU A 17 -26.28 -58.16 17.36
C LEU A 17 -25.55 -56.92 16.85
N CYS A 18 -26.29 -56.00 16.23
CA CYS A 18 -25.67 -54.87 15.53
C CYS A 18 -25.06 -53.87 16.51
N PRO A 19 -23.83 -53.39 16.27
CA PRO A 19 -23.12 -52.55 17.24
C PRO A 19 -23.47 -51.07 17.12
N PHE A 20 -24.74 -50.75 17.35
CA PHE A 20 -25.17 -49.36 17.30
C PHE A 20 -24.69 -48.55 18.50
N GLY A 21 -24.38 -49.22 19.62
CA GLY A 21 -23.85 -48.51 20.76
C GLY A 21 -22.53 -47.83 20.47
N GLU A 22 -21.67 -48.49 19.68
CA GLU A 22 -20.39 -47.91 19.31
C GLU A 22 -20.55 -46.55 18.63
N VAL A 23 -21.68 -46.34 17.97
CA VAL A 23 -21.86 -45.15 17.15
C VAL A 23 -22.60 -44.07 17.94
N PHE A 24 -23.76 -44.42 18.48
CA PHE A 24 -24.56 -43.43 19.21
C PHE A 24 -23.87 -43.06 20.51
N ASN A 25 -23.60 -44.04 21.36
CA ASN A 25 -22.91 -43.80 22.63
C ASN A 25 -21.40 -43.74 22.39
N ALA A 26 -20.96 -42.77 21.59
CA ALA A 26 -19.53 -42.67 21.30
C ALA A 26 -18.99 -41.47 22.04
N THR A 27 -17.79 -41.65 22.59
CA THR A 27 -17.16 -40.62 23.43
C THR A 27 -17.10 -39.29 22.70
N ARG A 28 -16.28 -39.21 21.66
CA ARG A 28 -16.22 -38.04 20.80
C ARG A 28 -16.88 -38.34 19.47
N PHE A 29 -17.41 -37.29 18.86
CA PHE A 29 -17.92 -37.36 17.49
C PHE A 29 -16.99 -36.60 16.56
N ALA A 30 -17.16 -36.82 15.27
CA ALA A 30 -16.31 -36.17 14.28
C ALA A 30 -16.82 -34.78 13.97
N SER A 31 -15.90 -33.91 13.55
CA SER A 31 -16.30 -32.67 12.90
C SER A 31 -17.05 -33.01 11.61
N VAL A 32 -18.03 -32.17 11.27
CA VAL A 32 -18.96 -32.55 10.21
C VAL A 32 -18.25 -32.68 8.87
N TYR A 33 -17.28 -31.81 8.60
CA TYR A 33 -16.56 -31.89 7.33
C TYR A 33 -15.78 -33.20 7.20
N ALA A 34 -15.33 -33.73 8.34
CA ALA A 34 -14.65 -35.03 8.36
C ALA A 34 -15.56 -36.06 9.00
N TRP A 35 -16.80 -36.15 8.52
CA TRP A 35 -17.78 -37.03 9.13
C TRP A 35 -17.32 -38.48 9.09
N ASN A 36 -17.60 -39.21 10.16
CA ASN A 36 -17.23 -40.62 10.23
C ASN A 36 -18.29 -41.48 9.57
N ARG A 37 -17.88 -42.66 9.11
CA ARG A 37 -18.80 -43.62 8.52
C ARG A 37 -18.44 -45.01 9.05
N LYS A 38 -19.42 -45.70 9.61
CA LYS A 38 -19.23 -47.05 10.14
C LYS A 38 -20.02 -48.04 9.29
N ARG A 39 -19.33 -49.04 8.75
CA ARG A 39 -19.97 -50.08 7.96
C ARG A 39 -20.65 -51.07 8.89
N ILE A 40 -21.94 -51.28 8.71
CA ILE A 40 -22.72 -52.19 9.53
C ILE A 40 -23.12 -53.39 8.69
N SER A 41 -22.80 -54.59 9.18
CA SER A 41 -23.08 -55.81 8.43
C SER A 41 -23.02 -57.00 9.38
N ASN A 42 -23.59 -58.12 8.92
CA ASN A 42 -23.52 -59.40 9.61
C ASN A 42 -24.03 -59.30 11.04
N CYS A 43 -25.26 -58.78 11.18
CA CYS A 43 -25.82 -58.57 12.50
C CYS A 43 -27.32 -58.32 12.37
N VAL A 44 -28.01 -58.44 13.51
CA VAL A 44 -29.43 -58.16 13.62
C VAL A 44 -29.60 -56.90 14.45
N ALA A 45 -30.53 -56.04 14.06
CA ALA A 45 -30.70 -54.73 14.69
C ALA A 45 -32.16 -54.48 14.99
N ASP A 46 -32.46 -54.01 16.21
CA ASP A 46 -33.81 -53.60 16.58
C ASP A 46 -33.87 -52.08 16.46
N TYR A 47 -34.46 -51.60 15.36
CA TYR A 47 -34.72 -50.17 15.20
C TYR A 47 -35.85 -49.69 16.09
N SER A 48 -36.57 -50.61 16.74
CA SER A 48 -37.53 -50.23 17.77
C SER A 48 -36.83 -49.86 19.07
N VAL A 49 -35.81 -50.62 19.46
CA VAL A 49 -35.02 -50.27 20.65
C VAL A 49 -34.35 -48.91 20.46
N LEU A 50 -33.90 -48.63 19.23
CA LEU A 50 -33.35 -47.31 18.93
C LEU A 50 -34.41 -46.23 19.08
N TYR A 51 -35.53 -46.38 18.35
CA TYR A 51 -36.62 -45.41 18.41
C TYR A 51 -37.11 -45.20 19.84
N ASN A 52 -37.01 -46.22 20.69
CA ASN A 52 -37.55 -46.12 22.04
C ASN A 52 -36.80 -45.11 22.89
N SER A 53 -35.53 -44.85 22.59
CA SER A 53 -34.77 -43.85 23.33
C SER A 53 -35.42 -42.47 23.16
N ALA A 54 -35.80 -41.86 24.28
CA ALA A 54 -36.37 -40.52 24.28
C ALA A 54 -35.33 -39.42 24.12
N SER A 55 -34.04 -39.78 24.02
CA SER A 55 -32.99 -38.78 23.87
C SER A 55 -33.14 -37.98 22.58
N PHE A 56 -33.59 -38.64 21.51
CA PHE A 56 -33.50 -38.07 20.17
C PHE A 56 -34.49 -36.95 19.96
N SER A 57 -33.98 -35.75 19.67
CA SER A 57 -34.83 -34.61 19.32
C SER A 57 -35.30 -34.71 17.88
N THR A 58 -34.53 -35.38 17.03
CA THR A 58 -34.89 -35.60 15.64
C THR A 58 -34.82 -37.10 15.35
N PHE A 59 -35.86 -37.60 14.70
CA PHE A 59 -35.88 -38.97 14.19
C PHE A 59 -36.77 -39.05 12.96
N LYS A 60 -36.25 -38.64 11.81
CA LYS A 60 -36.98 -38.69 10.55
C LYS A 60 -36.42 -39.82 9.69
N CYS A 61 -37.31 -40.50 8.98
CA CYS A 61 -36.92 -41.58 8.09
C CYS A 61 -37.47 -41.31 6.69
N TYR A 62 -36.78 -41.86 5.70
CA TYR A 62 -37.04 -41.54 4.31
C TYR A 62 -37.06 -42.82 3.50
N GLY A 63 -38.17 -43.08 2.80
CA GLY A 63 -38.33 -44.29 2.02
C GLY A 63 -38.59 -45.54 2.82
N VAL A 64 -38.53 -45.48 4.14
CA VAL A 64 -38.84 -46.62 5.01
C VAL A 64 -39.67 -46.12 6.18
N SER A 65 -40.57 -46.98 6.64
CA SER A 65 -41.29 -46.68 7.87
C SER A 65 -40.40 -47.01 9.06
N PRO A 66 -40.25 -46.10 10.03
CA PRO A 66 -39.41 -46.38 11.20
C PRO A 66 -39.86 -47.64 11.91
N THR A 67 -41.08 -47.62 12.45
CA THR A 67 -41.74 -48.86 12.83
C THR A 67 -41.85 -49.76 11.61
N LYS A 68 -41.83 -51.07 11.85
CA LYS A 68 -41.78 -52.05 10.76
C LYS A 68 -40.51 -51.87 9.94
N LEU A 69 -39.38 -51.67 10.63
CA LEU A 69 -38.06 -51.76 10.02
C LEU A 69 -37.34 -53.04 10.39
N ASN A 70 -37.80 -53.72 11.44
CA ASN A 70 -37.27 -55.01 11.86
C ASN A 70 -37.78 -56.17 11.01
N ASP A 71 -38.55 -55.89 9.96
CA ASP A 71 -39.02 -56.92 9.05
C ASP A 71 -38.28 -56.93 7.72
N LEU A 72 -37.61 -55.84 7.38
CA LEU A 72 -36.85 -55.75 6.14
C LEU A 72 -35.40 -56.19 6.34
N CYS A 73 -34.75 -56.55 5.24
CA CYS A 73 -33.37 -56.98 5.25
C CYS A 73 -32.62 -56.19 4.18
N PHE A 74 -31.52 -55.56 4.57
CA PHE A 74 -30.72 -54.74 3.67
C PHE A 74 -29.33 -55.35 3.52
N THR A 75 -28.79 -55.24 2.31
CA THR A 75 -27.43 -55.71 2.05
C THR A 75 -26.43 -55.05 2.99
N ASN A 76 -26.45 -53.72 3.03
CA ASN A 76 -25.47 -52.95 3.78
C ASN A 76 -26.18 -51.87 4.56
N VAL A 77 -25.55 -51.44 5.65
CA VAL A 77 -26.05 -50.35 6.47
C VAL A 77 -24.87 -49.45 6.82
N TYR A 78 -25.02 -48.15 6.59
CA TYR A 78 -23.98 -47.19 6.91
C TYR A 78 -24.45 -46.27 8.02
N ALA A 79 -23.56 -46.02 8.98
CA ALA A 79 -23.85 -45.16 10.13
C ALA A 79 -22.90 -43.97 10.08
N ASP A 80 -23.38 -42.85 9.55
CA ASP A 80 -22.60 -41.63 9.47
C ASP A 80 -22.90 -40.74 10.67
N SER A 81 -21.84 -40.21 11.29
CA SER A 81 -21.99 -39.48 12.54
C SER A 81 -21.08 -38.27 12.55
N PHE A 82 -21.57 -37.17 13.14
CA PHE A 82 -20.85 -35.90 13.18
C PHE A 82 -21.59 -34.97 14.14
N VAL A 83 -21.08 -33.74 14.27
CA VAL A 83 -21.62 -32.73 15.15
C VAL A 83 -21.83 -31.44 14.36
N ILE A 84 -23.00 -30.82 14.51
CA ILE A 84 -23.31 -29.55 13.87
C ILE A 84 -23.99 -28.62 14.87
N ARG A 85 -24.25 -27.40 14.42
CA ARG A 85 -25.10 -26.47 15.15
C ARG A 85 -26.55 -26.96 15.15
N GLY A 86 -27.26 -26.62 16.22
CA GLY A 86 -28.66 -27.04 16.32
C GLY A 86 -29.50 -26.52 15.17
N ASP A 87 -29.27 -25.27 14.77
CA ASP A 87 -30.02 -24.69 13.67
C ASP A 87 -29.83 -25.46 12.36
N GLU A 88 -28.73 -26.20 12.23
CA GLU A 88 -28.37 -26.85 10.97
C GLU A 88 -28.87 -28.28 10.86
N VAL A 89 -29.54 -28.81 11.89
CA VAL A 89 -30.08 -30.17 11.82
C VAL A 89 -31.10 -30.28 10.68
N ARG A 90 -31.82 -29.19 10.43
CA ARG A 90 -32.73 -29.09 9.28
C ARG A 90 -32.05 -29.42 7.97
N GLN A 91 -30.73 -29.26 7.88
CA GLN A 91 -30.00 -29.44 6.63
C GLN A 91 -29.59 -30.88 6.37
N ILE A 92 -29.64 -31.75 7.38
CA ILE A 92 -29.38 -33.17 7.16
C ILE A 92 -30.67 -33.82 6.68
N ALA A 93 -31.01 -33.57 5.42
CA ALA A 93 -32.25 -34.02 4.79
C ALA A 93 -32.11 -33.89 3.28
N PRO A 94 -32.81 -34.71 2.50
CA PRO A 94 -32.70 -34.61 1.04
C PRO A 94 -33.19 -33.26 0.54
N GLY A 95 -32.44 -32.69 -0.40
CA GLY A 95 -32.84 -31.46 -1.04
C GLY A 95 -32.68 -30.20 -0.23
N GLN A 96 -31.86 -30.23 0.82
CA GLN A 96 -31.61 -29.03 1.62
C GLN A 96 -30.46 -28.22 1.03
N THR A 97 -30.40 -26.95 1.42
CA THR A 97 -29.31 -26.07 1.04
C THR A 97 -28.78 -25.36 2.27
N GLY A 98 -27.55 -24.87 2.17
CA GLY A 98 -26.84 -24.26 3.27
C GLY A 98 -25.42 -24.77 3.36
N LYS A 99 -24.68 -24.16 4.31
CA LYS A 99 -23.26 -24.46 4.44
C LYS A 99 -23.00 -25.94 4.72
N ILE A 100 -23.88 -26.60 5.47
CA ILE A 100 -23.67 -28.00 5.81
C ILE A 100 -23.96 -28.91 4.63
N ALA A 101 -25.18 -28.81 4.08
CA ALA A 101 -25.56 -29.67 2.97
C ALA A 101 -24.73 -29.39 1.72
N ASP A 102 -24.30 -28.15 1.52
CA ASP A 102 -23.56 -27.83 0.31
C ASP A 102 -22.08 -28.14 0.42
N TYR A 103 -21.48 -27.97 1.60
CA TYR A 103 -20.03 -28.03 1.72
C TYR A 103 -19.52 -29.10 2.68
N ASN A 104 -20.39 -29.77 3.44
CA ASN A 104 -19.90 -30.66 4.49
C ASN A 104 -20.49 -32.07 4.41
N TYR A 105 -21.82 -32.18 4.37
CA TYR A 105 -22.46 -33.50 4.33
C TYR A 105 -23.71 -33.39 3.48
N LYS A 106 -23.77 -34.17 2.41
CA LYS A 106 -24.86 -34.09 1.44
C LYS A 106 -25.55 -35.44 1.34
N LEU A 107 -26.92 -35.42 1.42
CA LEU A 107 -27.73 -36.61 1.17
C LEU A 107 -28.27 -36.60 -0.25
N PRO A 108 -28.45 -37.76 -0.86
CA PRO A 108 -29.06 -37.81 -2.19
C PRO A 108 -30.56 -37.56 -2.12
N ASP A 109 -31.14 -37.24 -3.27
CA ASP A 109 -32.57 -37.01 -3.33
C ASP A 109 -33.35 -38.28 -2.99
N ASP A 110 -32.90 -39.42 -3.50
CA ASP A 110 -33.55 -40.71 -3.24
C ASP A 110 -32.99 -41.41 -2.01
N PHE A 111 -32.51 -40.64 -1.02
CA PHE A 111 -32.05 -41.19 0.24
C PHE A 111 -33.07 -42.14 0.84
N THR A 112 -32.60 -43.32 1.21
CA THR A 112 -33.42 -44.32 1.91
C THR A 112 -32.74 -44.58 3.24
N GLY A 113 -33.31 -44.05 4.32
CA GLY A 113 -32.72 -44.22 5.63
C GLY A 113 -33.35 -43.28 6.63
N CYS A 114 -32.62 -43.06 7.74
CA CYS A 114 -33.12 -42.28 8.86
C CYS A 114 -32.07 -41.30 9.32
N VAL A 115 -32.53 -40.14 9.82
CA VAL A 115 -31.67 -39.10 10.37
C VAL A 115 -32.02 -38.92 11.83
N ILE A 116 -31.06 -39.19 12.71
CA ILE A 116 -31.24 -39.17 14.15
C ILE A 116 -30.31 -38.10 14.73
N ALA A 117 -30.88 -37.20 15.54
CA ALA A 117 -30.12 -36.09 16.10
C ALA A 117 -30.58 -35.82 17.52
N TRP A 118 -29.67 -35.32 18.35
CA TRP A 118 -30.01 -34.99 19.73
C TRP A 118 -29.05 -33.93 20.25
N ASN A 119 -29.59 -33.06 21.11
CA ASN A 119 -28.80 -32.02 21.75
C ASN A 119 -27.67 -32.63 22.58
N SER A 120 -26.46 -32.11 22.38
CA SER A 120 -25.28 -32.62 23.08
C SER A 120 -24.54 -31.48 23.79
N ASN A 121 -25.27 -30.46 24.23
CA ASN A 121 -24.65 -29.34 24.92
C ASN A 121 -23.89 -29.80 26.16
N ASN A 122 -24.40 -30.82 26.84
CA ASN A 122 -23.75 -31.30 28.05
C ASN A 122 -22.40 -31.94 27.76
N LEU A 123 -22.23 -32.50 26.57
CA LEU A 123 -21.01 -33.24 26.23
C LEU A 123 -20.02 -32.44 25.38
N ASP A 124 -20.51 -31.64 24.45
CA ASP A 124 -19.64 -31.04 23.43
C ASP A 124 -19.46 -29.53 23.63
N SER A 125 -19.91 -28.98 24.74
CA SER A 125 -19.67 -27.58 25.08
C SER A 125 -18.69 -27.51 26.24
N LYS A 126 -17.81 -26.50 26.19
CA LYS A 126 -16.85 -26.24 27.25
C LYS A 126 -16.90 -24.76 27.60
N VAL A 127 -16.73 -24.46 28.89
CA VAL A 127 -16.71 -23.07 29.33
C VAL A 127 -15.52 -22.37 28.71
N GLY A 128 -15.75 -21.16 28.21
CA GLY A 128 -14.74 -20.46 27.44
C GLY A 128 -14.67 -20.85 25.97
N GLY A 129 -15.48 -21.81 25.53
CA GLY A 129 -15.54 -22.18 24.14
C GLY A 129 -14.86 -23.49 23.80
N ASN A 130 -15.54 -24.34 23.04
CA ASN A 130 -14.96 -25.54 22.45
C ASN A 130 -14.86 -25.30 20.95
N TYR A 131 -13.63 -25.15 20.47
CA TYR A 131 -13.37 -24.89 19.06
C TYR A 131 -12.84 -26.12 18.33
N ASN A 132 -12.93 -27.30 18.95
CA ASN A 132 -12.44 -28.52 18.32
C ASN A 132 -13.31 -28.92 17.13
N TYR A 133 -14.60 -28.59 17.17
CA TYR A 133 -15.53 -28.96 16.12
C TYR A 133 -15.50 -27.92 15.00
N LEU A 134 -15.23 -28.37 13.78
CA LEU A 134 -15.10 -27.50 12.63
C LEU A 134 -16.15 -27.84 11.57
N TYR A 135 -16.26 -26.95 10.59
CA TYR A 135 -17.10 -27.13 9.42
C TYR A 135 -16.45 -26.38 8.26
N ARG A 136 -16.71 -26.85 7.04
CA ARG A 136 -16.16 -26.18 5.88
C ARG A 136 -17.05 -25.01 5.48
N LEU A 137 -16.46 -23.83 5.36
CA LEU A 137 -17.20 -22.61 5.05
C LEU A 137 -17.11 -22.21 3.58
N PHE A 138 -16.07 -22.63 2.87
CA PHE A 138 -15.88 -22.26 1.47
C PHE A 138 -15.52 -23.48 0.65
N ARG A 139 -16.03 -23.52 -0.58
CA ARG A 139 -15.71 -24.60 -1.49
C ARG A 139 -15.97 -24.14 -2.92
N LYS A 140 -15.14 -24.61 -3.86
CA LYS A 140 -15.31 -24.24 -5.26
C LYS A 140 -16.65 -24.71 -5.79
N SER A 141 -17.11 -25.88 -5.34
CA SER A 141 -18.37 -26.43 -5.80
C SER A 141 -19.03 -27.17 -4.65
N ASN A 142 -20.26 -27.61 -4.90
CA ASN A 142 -21.03 -28.34 -3.90
C ASN A 142 -20.58 -29.79 -3.82
N LEU A 143 -20.80 -30.41 -2.68
CA LEU A 143 -20.51 -31.82 -2.52
C LEU A 143 -21.50 -32.68 -3.29
N LYS A 144 -21.00 -33.76 -3.87
CA LYS A 144 -21.88 -34.82 -4.33
C LYS A 144 -22.43 -35.56 -3.12
N PRO A 145 -23.54 -36.28 -3.28
CA PRO A 145 -24.07 -37.05 -2.14
C PRO A 145 -23.05 -38.01 -1.57
N PHE A 146 -22.92 -37.99 -0.24
CA PHE A 146 -22.04 -38.87 0.53
C PHE A 146 -20.56 -38.65 0.21
N GLU A 147 -20.21 -37.46 -0.27
CA GLU A 147 -18.80 -37.13 -0.52
C GLU A 147 -18.19 -36.51 0.73
N ARG A 148 -16.93 -36.84 1.00
CA ARG A 148 -16.20 -36.31 2.13
C ARG A 148 -14.97 -35.56 1.64
N ASP A 149 -14.84 -34.31 2.06
CA ASP A 149 -13.74 -33.43 1.65
C ASP A 149 -13.03 -32.95 2.91
N ILE A 150 -11.82 -33.46 3.14
CA ILE A 150 -11.00 -33.04 4.27
C ILE A 150 -9.84 -32.15 3.83
N SER A 151 -9.86 -31.68 2.58
CA SER A 151 -8.83 -30.78 2.10
C SER A 151 -8.78 -29.51 2.94
N THR A 152 -7.60 -28.89 2.99
CA THR A 152 -7.43 -27.62 3.69
C THR A 152 -6.68 -26.62 2.81
N GLU A 153 -6.87 -26.71 1.49
CA GLU A 153 -6.33 -25.70 0.60
C GLU A 153 -6.96 -24.35 0.88
N ILE A 154 -6.21 -23.28 0.63
CA ILE A 154 -6.75 -21.94 0.85
C ILE A 154 -7.74 -21.64 -0.27
N TYR A 155 -8.92 -21.13 0.10
CA TYR A 155 -9.99 -20.90 -0.86
C TYR A 155 -9.84 -19.50 -1.46
N GLN A 156 -9.76 -19.44 -2.78
CA GLN A 156 -9.62 -18.18 -3.50
C GLN A 156 -11.02 -17.64 -3.79
N ALA A 157 -11.44 -16.68 -2.96
CA ALA A 157 -12.72 -16.02 -3.15
C ALA A 157 -12.63 -14.87 -4.15
N GLY A 158 -11.43 -14.37 -4.43
CA GLY A 158 -11.23 -13.27 -5.34
C GLY A 158 -10.57 -13.68 -6.64
N SER A 159 -10.07 -12.67 -7.36
CA SER A 159 -9.52 -12.86 -8.70
C SER A 159 -8.01 -13.09 -8.70
N THR A 160 -7.35 -13.00 -7.55
CA THR A 160 -5.91 -13.17 -7.51
C THR A 160 -5.54 -14.47 -6.79
N PRO A 161 -4.38 -15.06 -7.13
CA PRO A 161 -3.98 -16.30 -6.46
C PRO A 161 -3.66 -16.08 -4.99
N CYS A 162 -3.59 -17.19 -4.26
CA CYS A 162 -3.33 -17.18 -2.82
C CYS A 162 -1.97 -17.72 -2.45
N ASN A 163 -1.54 -18.81 -3.09
CA ASN A 163 -0.23 -19.42 -2.86
C ASN A 163 -0.05 -19.83 -1.39
N GLY A 164 -1.06 -20.49 -0.85
CA GLY A 164 -0.97 -21.05 0.49
C GLY A 164 -0.99 -20.05 1.61
N VAL A 165 -1.44 -18.83 1.37
CA VAL A 165 -1.49 -17.78 2.37
C VAL A 165 -2.92 -17.27 2.45
N GLU A 166 -3.32 -16.95 3.69
CA GLU A 166 -4.62 -16.40 3.93
C GLU A 166 -4.54 -14.93 4.13
N GLY A 167 -5.17 -14.18 3.27
CA GLY A 167 -5.27 -12.77 3.46
C GLY A 167 -6.22 -12.24 2.46
N PHE A 168 -6.81 -11.12 2.74
CA PHE A 168 -7.64 -10.47 1.75
C PHE A 168 -8.76 -11.36 1.26
N ASN A 169 -8.80 -11.66 -0.03
CA ASN A 169 -9.84 -12.49 -0.58
C ASN A 169 -9.47 -13.97 -0.52
N CYS A 170 -8.40 -14.29 0.16
CA CYS A 170 -7.99 -15.67 0.34
C CYS A 170 -8.37 -16.10 1.74
N TYR A 171 -9.01 -17.26 1.88
CA TYR A 171 -9.58 -17.69 3.15
C TYR A 171 -9.18 -19.13 3.44
N PHE A 172 -8.81 -19.39 4.68
CA PHE A 172 -8.73 -20.77 5.14
C PHE A 172 -10.14 -21.35 5.17
N PRO A 173 -10.36 -22.54 4.61
CA PRO A 173 -11.74 -22.97 4.32
C PRO A 173 -12.49 -23.52 5.52
N LEU A 174 -11.82 -23.83 6.61
CA LEU A 174 -12.48 -24.42 7.77
C LEU A 174 -12.68 -23.37 8.85
N GLN A 175 -13.80 -23.48 9.56
CA GLN A 175 -14.14 -22.59 10.66
C GLN A 175 -14.66 -23.43 11.82
N SER A 176 -14.40 -22.96 13.04
CA SER A 176 -14.78 -23.68 14.24
C SER A 176 -16.08 -23.14 14.79
N TYR A 177 -16.94 -24.06 15.24
CA TYR A 177 -18.07 -23.64 16.06
C TYR A 177 -17.56 -23.12 17.39
N GLY A 178 -18.18 -22.05 17.88
CA GLY A 178 -17.88 -21.58 19.22
C GLY A 178 -18.86 -22.19 20.21
N PHE A 179 -18.59 -23.42 20.63
CA PHE A 179 -19.54 -24.18 21.45
C PHE A 179 -19.36 -23.79 22.92
N GLN A 180 -20.08 -22.77 23.33
CA GLN A 180 -20.14 -22.27 24.69
C GLN A 180 -21.42 -22.76 25.35
N PRO A 181 -21.40 -23.19 26.62
CA PRO A 181 -22.60 -23.79 27.22
C PRO A 181 -23.74 -22.79 27.33
N THR A 182 -23.44 -21.48 27.28
CA THR A 182 -24.43 -20.40 27.37
C THR A 182 -25.16 -20.15 26.05
N ASN A 183 -24.75 -20.81 24.97
CA ASN A 183 -25.31 -20.52 23.65
C ASN A 183 -26.80 -20.80 23.63
N GLY A 184 -27.52 -20.04 22.80
CA GLY A 184 -28.89 -20.39 22.49
C GLY A 184 -28.98 -21.73 21.79
N VAL A 185 -30.18 -22.33 21.87
CA VAL A 185 -30.34 -23.71 21.42
C VAL A 185 -30.01 -23.84 19.93
N GLY A 186 -30.20 -22.78 19.15
CA GLY A 186 -29.85 -22.84 17.74
C GLY A 186 -28.37 -22.89 17.48
N TYR A 187 -27.55 -22.44 18.43
CA TYR A 187 -26.10 -22.45 18.29
C TYR A 187 -25.43 -23.45 19.22
N GLN A 188 -26.18 -24.40 19.71
CA GLN A 188 -25.68 -25.45 20.59
C GLN A 188 -25.29 -26.68 19.78
N PRO A 189 -24.35 -27.48 20.26
CA PRO A 189 -23.91 -28.67 19.50
C PRO A 189 -24.96 -29.76 19.52
N TYR A 190 -25.17 -30.38 18.35
CA TYR A 190 -26.04 -31.52 18.21
C TYR A 190 -25.27 -32.67 17.60
N ARG A 191 -25.48 -33.86 18.15
CA ARG A 191 -24.89 -35.06 17.59
C ARG A 191 -25.89 -35.70 16.63
N VAL A 192 -25.38 -36.12 15.47
CA VAL A 192 -26.21 -36.62 14.39
C VAL A 192 -25.71 -38.00 13.99
N VAL A 193 -26.63 -38.94 13.83
CA VAL A 193 -26.35 -40.23 13.21
C VAL A 193 -27.29 -40.38 12.02
N VAL A 194 -26.72 -40.68 10.86
CA VAL A 194 -27.48 -40.96 9.65
C VAL A 194 -27.30 -42.44 9.30
N LEU A 195 -28.41 -43.12 9.06
CA LEU A 195 -28.40 -44.53 8.71
C LEU A 195 -28.85 -44.68 7.27
N SER A 196 -27.96 -45.17 6.42
CA SER A 196 -28.29 -45.47 5.02
C SER A 196 -28.49 -46.97 4.87
N PHE A 197 -29.50 -47.34 4.11
CA PHE A 197 -29.88 -48.74 3.92
C PHE A 197 -29.65 -49.11 2.46
N GLU A 198 -28.58 -49.84 2.19
CA GLU A 198 -28.24 -50.26 0.84
C GLU A 198 -28.89 -51.60 0.55
N LEU A 199 -29.69 -51.66 -0.50
CA LEU A 199 -30.34 -52.88 -0.95
C LEU A 199 -29.74 -53.31 -2.28
N LEU A 200 -28.47 -53.72 -2.23
CA LEU A 200 -27.78 -54.23 -3.41
C LEU A 200 -28.17 -55.69 -3.66
N HIS A 201 -28.04 -56.10 -4.92
CA HIS A 201 -28.31 -57.49 -5.31
C HIS A 201 -27.19 -58.41 -4.84
N ALA A 202 -27.03 -58.47 -3.51
CA ALA A 202 -26.02 -59.27 -2.84
C ALA A 202 -26.66 -59.91 -1.62
N PRO A 203 -25.99 -60.83 -0.93
CA PRO A 203 -26.55 -61.37 0.32
C PRO A 203 -26.86 -60.26 1.32
N ALA A 204 -28.15 -60.13 1.66
CA ALA A 204 -28.57 -59.18 2.67
C ALA A 204 -28.17 -59.68 4.06
N THR A 205 -27.40 -58.86 4.78
CA THR A 205 -26.75 -59.32 6.00
C THR A 205 -27.09 -58.46 7.22
N VAL A 206 -28.08 -57.58 7.12
CA VAL A 206 -28.58 -56.81 8.26
C VAL A 206 -30.09 -56.94 8.26
N CYS A 207 -30.64 -57.60 9.28
CA CYS A 207 -32.07 -57.83 9.41
C CYS A 207 -32.49 -57.45 10.82
N GLY A 208 -33.78 -57.63 11.14
CA GLY A 208 -34.23 -57.34 12.48
C GLY A 208 -35.18 -58.31 13.19
N PRO A 209 -35.20 -59.62 12.81
CA PRO A 209 -36.23 -60.59 13.24
C PRO A 209 -37.04 -60.25 14.50
N GLN B 1 -1.73 0.29 -22.09
CA GLN B 1 -0.86 0.06 -20.95
C GLN B 1 -1.49 0.57 -19.66
N VAL B 2 -1.01 0.05 -18.53
CA VAL B 2 -1.66 0.27 -17.25
C VAL B 2 -1.52 1.73 -16.84
N GLN B 3 -2.58 2.29 -16.25
CA GLN B 3 -2.66 3.71 -15.95
C GLN B 3 -3.59 3.94 -14.77
N LEU B 4 -3.17 4.82 -13.85
CA LEU B 4 -3.98 5.22 -12.71
C LEU B 4 -3.86 6.73 -12.55
N VAL B 5 -4.96 7.44 -12.76
CA VAL B 5 -4.97 8.89 -12.77
C VAL B 5 -5.80 9.36 -11.58
N GLN B 6 -5.17 10.14 -10.69
CA GLN B 6 -5.79 10.57 -9.45
C GLN B 6 -6.30 12.01 -9.55
N SER B 7 -7.10 12.40 -8.57
CA SER B 7 -7.66 13.73 -8.50
C SER B 7 -6.59 14.74 -8.09
N GLY B 8 -6.94 16.03 -8.23
CA GLY B 8 -5.96 17.09 -8.02
C GLY B 8 -5.71 17.38 -6.55
N ALA B 9 -4.54 17.97 -6.30
CA ALA B 9 -4.17 18.36 -4.95
C ALA B 9 -5.12 19.44 -4.43
N GLU B 10 -5.49 19.34 -3.15
CA GLU B 10 -6.46 20.25 -2.58
C GLU B 10 -6.12 20.54 -1.12
N VAL B 11 -6.70 21.64 -0.63
CA VAL B 11 -6.60 22.04 0.77
C VAL B 11 -7.87 21.61 1.48
N LYS B 12 -7.75 21.22 2.74
CA LYS B 12 -8.92 20.89 3.54
C LYS B 12 -8.72 21.47 4.93
N LYS B 13 -9.75 22.14 5.44
CA LYS B 13 -9.71 22.63 6.80
C LYS B 13 -9.67 21.47 7.78
N PRO B 14 -9.05 21.66 8.96
CA PRO B 14 -9.02 20.58 9.95
C PRO B 14 -10.43 20.15 10.35
N GLY B 15 -10.64 18.83 10.39
CA GLY B 15 -11.93 18.27 10.71
C GLY B 15 -12.81 17.96 9.52
N ALA B 16 -12.47 18.45 8.33
CA ALA B 16 -13.26 18.18 7.15
C ALA B 16 -12.92 16.81 6.58
N SER B 17 -13.55 16.47 5.46
CA SER B 17 -13.31 15.21 4.76
C SER B 17 -12.77 15.49 3.37
N VAL B 18 -12.14 14.47 2.78
CA VAL B 18 -11.62 14.55 1.43
C VAL B 18 -11.82 13.20 0.75
N LYS B 19 -12.26 13.24 -0.50
CA LYS B 19 -12.41 12.05 -1.34
C LYS B 19 -11.44 12.18 -2.50
N VAL B 20 -10.49 11.25 -2.59
CA VAL B 20 -9.55 11.21 -3.70
C VAL B 20 -10.02 10.18 -4.71
N SER B 21 -10.10 10.60 -5.98
CA SER B 21 -10.48 9.70 -7.05
C SER B 21 -9.25 9.04 -7.65
N CYS B 22 -9.45 7.85 -8.22
CA CYS B 22 -8.35 7.11 -8.83
C CYS B 22 -8.94 6.33 -10.01
N LYS B 23 -8.63 6.76 -11.22
CA LYS B 23 -9.18 6.18 -12.44
C LYS B 23 -8.19 5.19 -13.02
N ALA B 24 -8.63 3.95 -13.23
CA ALA B 24 -7.79 2.91 -13.80
C ALA B 24 -8.13 2.68 -15.27
N SER B 25 -7.14 2.25 -16.03
CA SER B 25 -7.33 1.93 -17.44
C SER B 25 -6.14 1.10 -17.91
N GLY B 26 -6.36 0.33 -18.96
CA GLY B 26 -5.33 -0.51 -19.52
C GLY B 26 -5.24 -1.91 -18.96
N TYR B 27 -6.17 -2.27 -18.07
CA TYR B 27 -6.21 -3.62 -17.51
C TYR B 27 -7.61 -3.87 -16.99
N THR B 28 -7.90 -5.14 -16.72
CA THR B 28 -9.19 -5.51 -16.13
C THR B 28 -9.24 -5.03 -14.68
N PHE B 29 -10.16 -4.11 -14.40
CA PHE B 29 -10.22 -3.45 -13.09
C PHE B 29 -10.27 -4.46 -11.95
N SER B 30 -11.14 -5.46 -12.06
CA SER B 30 -11.39 -6.39 -10.97
C SER B 30 -10.39 -7.54 -10.90
N SER B 31 -9.47 -7.63 -11.86
CA SER B 31 -8.46 -8.69 -11.81
C SER B 31 -7.37 -8.42 -10.80
N TYR B 32 -7.37 -7.25 -10.17
CA TYR B 32 -6.38 -6.88 -9.17
C TYR B 32 -7.08 -6.14 -8.05
N GLY B 33 -6.32 -5.81 -7.00
CA GLY B 33 -6.81 -4.98 -5.93
C GLY B 33 -6.37 -3.54 -6.08
N ILE B 34 -6.89 -2.70 -5.19
CA ILE B 34 -6.49 -1.30 -5.10
C ILE B 34 -6.07 -1.03 -3.66
N SER B 35 -4.79 -0.74 -3.46
CA SER B 35 -4.29 -0.28 -2.18
C SER B 35 -4.04 1.22 -2.25
N TRP B 36 -4.22 1.89 -1.11
CA TRP B 36 -3.86 3.29 -0.98
C TRP B 36 -2.69 3.41 -0.02
N VAL B 37 -1.68 4.19 -0.42
CA VAL B 37 -0.47 4.41 0.35
C VAL B 37 -0.21 5.90 0.40
N ARG B 38 0.02 6.43 1.59
CA ARG B 38 0.24 7.85 1.76
C ARG B 38 1.66 8.12 2.24
N GLN B 39 2.09 9.37 2.07
CA GLN B 39 3.46 9.76 2.37
C GLN B 39 3.47 11.20 2.87
N ALA B 40 3.68 11.37 4.17
CA ALA B 40 3.86 12.70 4.72
C ALA B 40 5.16 13.31 4.20
N PRO B 41 5.22 14.65 4.10
CA PRO B 41 6.39 15.28 3.46
C PRO B 41 7.70 14.88 4.11
N GLY B 42 8.61 14.33 3.31
CA GLY B 42 9.88 13.86 3.81
C GLY B 42 9.82 12.60 4.65
N GLN B 43 8.68 11.91 4.67
CA GLN B 43 8.50 10.73 5.51
C GLN B 43 8.38 9.49 4.64
N GLY B 44 8.28 8.33 5.29
CA GLY B 44 8.14 7.07 4.59
C GLY B 44 6.72 6.81 4.14
N LEU B 45 6.56 5.70 3.44
CA LEU B 45 5.24 5.29 2.96
C LEU B 45 4.46 4.56 4.04
N GLU B 46 3.14 4.74 4.02
CA GLU B 46 2.24 4.11 4.99
C GLU B 46 1.11 3.43 4.25
N TRP B 47 0.98 2.12 4.43
CA TRP B 47 -0.17 1.42 3.88
C TRP B 47 -1.44 1.87 4.58
N MET B 48 -2.46 2.19 3.81
CA MET B 48 -3.70 2.69 4.37
C MET B 48 -4.86 1.71 4.27
N GLY B 49 -4.76 0.70 3.42
CA GLY B 49 -5.83 -0.25 3.28
C GLY B 49 -5.99 -0.77 1.87
N TRP B 50 -6.92 -1.72 1.69
CA TRP B 50 -7.11 -2.41 0.44
C TRP B 50 -8.59 -2.49 0.12
N ILE B 51 -8.90 -2.55 -1.17
CA ILE B 51 -10.27 -2.80 -1.63
C ILE B 51 -10.20 -3.68 -2.86
N SER B 52 -11.11 -4.64 -2.94
CA SER B 52 -11.24 -5.48 -4.12
C SER B 52 -12.35 -4.95 -5.00
N PRO B 53 -12.06 -4.45 -6.20
CA PRO B 53 -13.14 -4.12 -7.14
C PRO B 53 -13.92 -5.34 -7.60
N TYR B 54 -13.43 -6.55 -7.28
CA TYR B 54 -14.14 -7.77 -7.62
C TYR B 54 -15.41 -7.92 -6.79
N ASN B 55 -15.26 -8.02 -5.47
CA ASN B 55 -16.39 -8.28 -4.58
C ASN B 55 -16.67 -7.13 -3.62
N GLY B 56 -15.90 -6.05 -3.67
CA GLY B 56 -16.08 -4.95 -2.74
C GLY B 56 -15.49 -5.17 -1.38
N ASN B 57 -14.75 -6.26 -1.17
CA ASN B 57 -14.10 -6.50 0.10
C ASN B 57 -13.09 -5.39 0.40
N THR B 58 -13.01 -5.02 1.68
CA THR B 58 -12.06 -4.01 2.12
C THR B 58 -11.32 -4.48 3.36
N LYS B 59 -10.15 -3.90 3.58
CA LYS B 59 -9.42 -4.07 4.83
C LYS B 59 -8.66 -2.78 5.11
N TYR B 60 -8.71 -2.33 6.36
CA TYR B 60 -7.97 -1.18 6.82
C TYR B 60 -7.15 -1.57 8.04
N PRO B 61 -5.94 -1.04 8.19
CA PRO B 61 -5.19 -1.25 9.42
C PRO B 61 -5.86 -0.53 10.59
N GLN B 62 -5.58 -1.02 11.80
CA GLN B 62 -6.25 -0.52 13.00
C GLN B 62 -6.12 1.00 13.13
N LYS B 63 -4.98 1.54 12.71
CA LYS B 63 -4.74 2.98 12.81
C LYS B 63 -5.84 3.79 12.13
N PHE B 64 -6.19 3.41 10.91
CA PHE B 64 -7.20 4.12 10.13
C PHE B 64 -8.59 3.52 10.25
N GLN B 65 -8.77 2.51 11.10
CA GLN B 65 -10.09 1.89 11.24
C GLN B 65 -11.09 2.91 11.79
N GLY B 66 -12.16 3.12 11.03
CA GLY B 66 -13.18 4.09 11.40
C GLY B 66 -13.10 5.37 10.59
N ARG B 67 -11.89 5.87 10.36
CA ARG B 67 -11.71 7.15 9.67
C ARG B 67 -11.60 7.11 8.15
N VAL B 68 -11.31 5.95 7.59
CA VAL B 68 -11.14 5.85 6.15
C VAL B 68 -12.22 4.94 5.58
N THR B 69 -12.66 5.28 4.36
CA THR B 69 -13.63 4.47 3.64
C THR B 69 -13.18 4.39 2.18
N MET B 70 -13.00 3.17 1.68
CA MET B 70 -12.66 2.94 0.29
C MET B 70 -13.86 2.35 -0.45
N THR B 71 -14.16 2.90 -1.62
CA THR B 71 -15.26 2.45 -2.46
C THR B 71 -14.75 2.23 -3.87
N THR B 72 -15.55 1.54 -4.67
CA THR B 72 -15.17 1.21 -6.05
C THR B 72 -16.38 1.27 -6.96
N ASP B 73 -16.29 2.11 -8.00
CA ASP B 73 -17.31 2.18 -9.06
C ASP B 73 -16.81 1.27 -10.18
N THR B 74 -17.41 0.08 -10.28
CA THR B 74 -16.99 -0.88 -11.30
C THR B 74 -17.35 -0.43 -12.71
N SER B 75 -18.26 0.52 -12.85
CA SER B 75 -18.64 1.04 -14.17
C SER B 75 -17.65 2.11 -14.66
N THR B 76 -17.33 3.08 -13.81
CA THR B 76 -16.38 4.13 -14.16
C THR B 76 -14.93 3.65 -14.10
N ASN B 77 -14.68 2.45 -13.55
CA ASN B 77 -13.32 1.95 -13.34
C ASN B 77 -12.54 2.88 -12.42
N THR B 78 -13.18 3.35 -11.36
CA THR B 78 -12.62 4.39 -10.52
C THR B 78 -12.68 3.97 -9.06
N ALA B 79 -11.55 4.07 -8.37
CA ALA B 79 -11.47 3.83 -6.94
C ALA B 79 -11.46 5.15 -6.19
N TYR B 80 -12.30 5.26 -5.18
CA TYR B 80 -12.35 6.42 -4.30
C TYR B 80 -11.86 6.04 -2.93
N MET B 81 -11.12 6.95 -2.30
CA MET B 81 -10.77 6.85 -0.89
C MET B 81 -11.19 8.13 -0.19
N GLU B 82 -11.82 7.99 0.97
CA GLU B 82 -12.30 9.12 1.74
C GLU B 82 -11.77 9.03 3.17
N LEU B 83 -11.27 10.16 3.69
CA LEU B 83 -10.72 10.22 5.04
C LEU B 83 -11.35 11.38 5.78
N ARG B 84 -12.04 11.09 6.88
CA ARG B 84 -12.74 12.07 7.67
C ARG B 84 -11.89 12.51 8.86
N SER B 85 -12.41 13.49 9.62
CA SER B 85 -11.76 14.00 10.83
C SER B 85 -10.31 14.36 10.56
N LEU B 86 -10.10 15.15 9.51
CA LEU B 86 -8.76 15.41 9.01
C LEU B 86 -7.96 16.23 10.02
N ARG B 87 -6.79 15.73 10.36
CA ARG B 87 -5.87 16.40 11.27
C ARG B 87 -4.61 16.79 10.53
N SER B 88 -3.74 17.58 11.17
CA SER B 88 -2.60 18.17 10.48
C SER B 88 -1.51 17.14 10.15
N ASP B 89 -1.40 16.03 10.89
CA ASP B 89 -0.50 14.99 10.38
C ASP B 89 -1.17 14.08 9.36
N ASP B 90 -2.32 14.47 8.82
CA ASP B 90 -2.87 13.83 7.65
C ASP B 90 -2.45 14.54 6.37
N THR B 91 -1.69 15.63 6.48
CA THR B 91 -1.13 16.28 5.31
C THR B 91 -0.06 15.37 4.70
N ALA B 92 -0.28 14.93 3.46
CA ALA B 92 0.56 13.94 2.84
C ALA B 92 0.20 13.86 1.36
N VAL B 93 0.97 13.06 0.63
CA VAL B 93 0.64 12.68 -0.74
C VAL B 93 -0.03 11.32 -0.68
N TYR B 94 -1.14 11.17 -1.39
CA TYR B 94 -1.96 9.97 -1.31
C TYR B 94 -1.91 9.22 -2.64
N TYR B 95 -1.31 8.03 -2.64
CA TYR B 95 -1.17 7.20 -3.81
C TYR B 95 -2.20 6.08 -3.77
N CYS B 96 -2.87 5.86 -4.91
CA CYS B 96 -3.53 4.60 -5.19
C CYS B 96 -2.59 3.74 -6.02
N ALA B 97 -2.66 2.43 -5.81
CA ALA B 97 -1.75 1.53 -6.51
C ALA B 97 -2.47 0.24 -6.81
N ARG B 98 -2.28 -0.27 -8.03
CA ARG B 98 -2.81 -1.57 -8.37
C ARG B 98 -2.15 -2.64 -7.51
N ASP B 99 -2.97 -3.49 -6.88
CA ASP B 99 -2.52 -4.39 -5.84
C ASP B 99 -2.59 -5.83 -6.35
N LEU B 100 -1.46 -6.52 -6.32
CA LEU B 100 -1.41 -7.94 -6.65
C LEU B 100 -2.01 -8.81 -5.56
N GLU B 101 -2.46 -8.21 -4.46
CA GLU B 101 -3.01 -8.92 -3.29
C GLU B 101 -1.96 -9.93 -2.84
N LEU B 102 -2.31 -11.20 -2.65
CA LEU B 102 -1.28 -12.14 -2.19
C LEU B 102 -0.28 -12.50 -3.28
N GLY B 103 -0.38 -11.90 -4.47
CA GLY B 103 0.72 -11.96 -5.41
C GLY B 103 1.96 -11.26 -4.89
N GLY B 104 1.77 -10.27 -4.02
CA GLY B 104 2.87 -9.67 -3.29
C GLY B 104 3.53 -8.50 -3.97
N GLY B 105 2.74 -7.49 -4.33
CA GLY B 105 3.31 -6.30 -4.94
C GLY B 105 2.29 -5.24 -5.32
N PHE B 106 2.70 -3.99 -5.23
CA PHE B 106 1.93 -2.87 -5.75
C PHE B 106 2.50 -2.53 -7.12
N ASP B 107 1.81 -3.02 -8.16
CA ASP B 107 2.31 -3.06 -9.53
C ASP B 107 2.61 -1.68 -10.11
N TYR B 108 1.57 -0.89 -10.31
CA TYR B 108 1.68 0.44 -10.89
C TYR B 108 1.05 1.42 -9.92
N TRP B 109 1.61 2.63 -9.85
CA TRP B 109 1.14 3.64 -8.93
C TRP B 109 0.53 4.81 -9.68
N GLY B 110 -0.43 5.48 -9.04
CA GLY B 110 -0.90 6.75 -9.55
C GLY B 110 0.09 7.86 -9.26
N GLN B 111 -0.14 9.01 -9.88
CA GLN B 111 0.78 10.13 -9.70
C GLN B 111 0.74 10.69 -8.28
N GLY B 112 -0.34 10.48 -7.56
CA GLY B 112 -0.46 10.96 -6.20
C GLY B 112 -1.38 12.17 -6.10
N THR B 113 -1.82 12.43 -4.87
CA THR B 113 -2.69 13.56 -4.56
C THR B 113 -2.20 14.17 -3.25
N LEU B 114 -1.67 15.38 -3.32
CA LEU B 114 -1.13 16.06 -2.14
C LEU B 114 -2.29 16.73 -1.40
N VAL B 115 -2.68 16.16 -0.27
CA VAL B 115 -3.71 16.73 0.59
C VAL B 115 -3.02 17.53 1.68
N THR B 116 -3.27 18.84 1.71
CA THR B 116 -2.76 19.72 2.75
C THR B 116 -3.89 20.05 3.72
N VAL B 117 -3.70 19.70 4.99
CA VAL B 117 -4.66 20.03 6.04
C VAL B 117 -4.19 21.33 6.67
N SER B 118 -4.94 22.41 6.43
CA SER B 118 -4.54 23.74 6.88
C SER B 118 -5.76 24.64 6.91
N SER B 119 -5.80 25.54 7.88
CA SER B 119 -6.83 26.56 7.95
C SER B 119 -6.46 27.81 7.16
N ALA B 120 -5.26 27.87 6.60
CA ALA B 120 -4.79 29.03 5.87
C ALA B 120 -5.47 29.12 4.50
N SER B 121 -5.51 30.34 3.98
CA SER B 121 -6.18 30.60 2.71
C SER B 121 -5.30 30.23 1.53
N THR B 122 -5.96 29.87 0.42
CA THR B 122 -5.25 29.53 -0.81
C THR B 122 -4.82 30.82 -1.52
N LYS B 123 -3.50 30.99 -1.62
CA LYS B 123 -2.93 32.16 -2.24
C LYS B 123 -2.03 31.80 -3.39
N GLY B 124 -2.10 32.57 -4.44
CA GLY B 124 -1.26 32.34 -5.58
C GLY B 124 0.12 32.88 -5.59
N PRO B 125 0.99 32.26 -6.37
CA PRO B 125 2.38 32.70 -6.49
C PRO B 125 2.62 33.95 -7.26
N SER B 126 3.66 34.69 -6.92
CA SER B 126 4.05 35.83 -7.70
C SER B 126 5.35 35.38 -8.28
N VAL B 127 5.53 35.54 -9.58
CA VAL B 127 6.75 35.06 -10.23
C VAL B 127 7.66 36.18 -10.63
N PHE B 128 8.90 36.11 -10.19
CA PHE B 128 9.84 37.18 -10.46
C PHE B 128 11.06 36.64 -11.13
N PRO B 129 11.61 37.41 -12.06
CA PRO B 129 12.79 36.95 -12.80
C PRO B 129 14.15 36.97 -12.14
N LEU B 130 14.91 35.89 -12.28
CA LEU B 130 16.29 35.89 -11.80
C LEU B 130 17.07 36.09 -13.07
N ALA B 131 17.46 37.32 -13.34
CA ALA B 131 18.11 37.64 -14.60
C ALA B 131 19.55 37.29 -14.83
N PRO B 132 19.84 36.85 -16.05
CA PRO B 132 21.21 36.54 -16.39
C PRO B 132 22.12 37.75 -16.29
N SER B 133 23.31 37.55 -15.77
CA SER B 133 24.25 38.66 -15.58
C SER B 133 24.88 39.23 -16.81
N SER B 134 25.17 40.52 -16.75
CA SER B 134 25.78 41.18 -17.88
C SER B 134 27.13 40.57 -18.12
N LYS B 135 27.85 40.26 -17.06
CA LYS B 135 29.12 39.57 -17.20
C LYS B 135 28.85 38.15 -17.62
N SER B 136 29.78 37.53 -18.34
CA SER B 136 29.58 36.13 -18.66
C SER B 136 30.06 35.55 -17.38
N THR B 137 29.13 35.08 -16.56
CA THR B 137 29.52 34.67 -15.23
C THR B 137 30.48 33.49 -15.08
N SER B 138 30.26 32.40 -15.79
CA SER B 138 31.13 31.26 -15.58
C SER B 138 31.51 30.54 -16.86
N GLY B 139 32.76 30.70 -17.28
CA GLY B 139 33.19 30.05 -18.50
C GLY B 139 32.28 30.47 -19.63
N GLY B 140 31.70 29.51 -20.30
CA GLY B 140 30.77 29.81 -21.37
C GLY B 140 29.35 29.62 -20.93
N THR B 141 29.13 29.45 -19.63
CA THR B 141 27.79 29.16 -19.15
C THR B 141 27.17 30.26 -18.34
N ALA B 142 25.89 30.50 -18.58
CA ALA B 142 25.18 31.52 -17.85
C ALA B 142 23.98 30.94 -17.13
N ALA B 143 23.56 31.60 -16.06
CA ALA B 143 22.45 31.09 -15.29
C ALA B 143 21.31 32.02 -15.16
N LEU B 144 20.13 31.48 -15.30
CA LEU B 144 18.94 32.28 -15.21
C LEU B 144 17.90 31.51 -14.44
N GLY B 145 16.93 32.21 -13.91
CA GLY B 145 15.91 31.56 -13.14
C GLY B 145 14.62 32.28 -12.88
N CYS B 146 13.68 31.59 -12.25
CA CYS B 146 12.45 32.21 -11.87
C CYS B 146 12.27 32.04 -10.38
N LEU B 147 11.87 33.10 -9.70
CA LEU B 147 11.58 33.00 -8.30
C LEU B 147 10.08 32.97 -8.10
N VAL B 148 9.59 31.90 -7.49
CA VAL B 148 8.18 31.76 -7.26
C VAL B 148 7.99 32.04 -5.80
N LYS B 149 7.24 33.08 -5.51
CA LYS B 149 7.12 33.49 -4.13
C LYS B 149 5.73 33.70 -3.60
N ASP B 150 5.56 33.47 -2.31
CA ASP B 150 4.30 33.73 -1.65
C ASP B 150 3.06 32.97 -2.10
N TYR B 151 3.11 31.64 -2.08
CA TYR B 151 1.94 30.83 -2.42
C TYR B 151 1.68 29.85 -1.28
N PHE B 152 0.52 29.95 -0.62
CA PHE B 152 0.34 29.02 0.49
C PHE B 152 0.19 27.51 0.25
N PRO B 153 -0.63 27.10 -0.72
CA PRO B 153 -0.81 25.64 -0.81
C PRO B 153 0.12 24.94 -1.77
N GLU B 154 1.04 24.14 -1.25
CA GLU B 154 1.99 23.50 -2.13
C GLU B 154 1.11 22.45 -2.80
N PRO B 155 1.36 22.12 -4.08
CA PRO B 155 2.59 22.14 -4.85
C PRO B 155 2.66 23.15 -5.99
N VAL B 156 3.84 23.34 -6.58
CA VAL B 156 3.99 24.22 -7.73
C VAL B 156 4.81 23.49 -8.79
N THR B 157 4.33 23.47 -10.02
CA THR B 157 5.07 22.87 -11.12
C THR B 157 5.66 23.98 -11.99
N VAL B 158 6.95 23.85 -12.30
CA VAL B 158 7.65 24.79 -13.16
C VAL B 158 8.31 24.02 -14.30
N SER B 159 8.06 24.46 -15.53
CA SER B 159 8.74 23.93 -16.71
C SER B 159 9.43 25.07 -17.43
N TRP B 160 10.37 24.71 -18.31
CA TRP B 160 11.17 25.68 -19.04
C TRP B 160 10.97 25.46 -20.54
N ASN B 161 10.44 26.48 -21.22
CA ASN B 161 10.11 26.41 -22.64
C ASN B 161 9.11 25.30 -22.91
N SER B 162 8.10 25.19 -22.05
CA SER B 162 7.00 24.25 -22.21
C SER B 162 7.50 22.81 -22.40
N GLY B 163 8.57 22.47 -21.70
CA GLY B 163 9.16 21.16 -21.78
C GLY B 163 10.30 21.02 -22.78
N ALA B 164 10.53 22.03 -23.62
CA ALA B 164 11.64 21.95 -24.57
C ALA B 164 12.98 21.98 -23.86
N LEU B 165 13.05 22.63 -22.70
CA LEU B 165 14.29 22.81 -21.96
C LEU B 165 14.21 21.99 -20.68
N THR B 166 14.91 20.84 -20.67
CA THR B 166 15.02 20.02 -19.49
C THR B 166 16.46 19.85 -19.00
N SER B 167 17.45 20.14 -19.84
CA SER B 167 18.84 19.91 -19.49
C SER B 167 19.36 21.05 -18.62
N GLY B 168 20.05 20.71 -17.54
CA GLY B 168 20.59 21.69 -16.63
C GLY B 168 19.57 22.42 -15.77
N VAL B 169 18.33 21.94 -15.74
CA VAL B 169 17.29 22.59 -14.95
C VAL B 169 17.38 22.09 -13.52
N HIS B 170 17.24 23.01 -12.57
CA HIS B 170 17.13 22.68 -11.15
C HIS B 170 16.01 23.49 -10.54
N THR B 171 14.99 22.82 -10.03
CA THR B 171 13.91 23.46 -9.28
C THR B 171 14.05 23.03 -7.83
N PHE B 172 14.19 24.00 -6.94
CA PHE B 172 14.49 23.69 -5.56
C PHE B 172 13.23 23.34 -4.78
N PRO B 173 13.37 22.56 -3.71
CA PRO B 173 12.23 22.34 -2.81
C PRO B 173 11.72 23.66 -2.25
N ALA B 174 10.39 23.76 -2.15
CA ALA B 174 9.80 24.95 -1.55
C ALA B 174 10.32 25.12 -0.13
N VAL B 175 10.41 26.37 0.30
CA VAL B 175 10.75 26.69 1.68
C VAL B 175 9.58 27.44 2.30
N LEU B 176 9.23 27.06 3.52
CA LEU B 176 8.19 27.76 4.26
C LEU B 176 8.77 29.04 4.82
N GLN B 177 8.24 30.18 4.37
CA GLN B 177 8.67 31.45 4.90
C GLN B 177 7.96 31.74 6.22
N SER B 178 8.44 32.77 6.92
CA SER B 178 7.81 33.15 8.18
C SER B 178 6.37 33.62 7.98
N SER B 179 6.06 34.13 6.79
CA SER B 179 4.70 34.55 6.48
C SER B 179 3.71 33.39 6.50
N GLY B 180 4.20 32.16 6.49
CA GLY B 180 3.35 31.01 6.26
C GLY B 180 3.13 30.69 4.80
N LEU B 181 3.78 31.43 3.90
CA LEU B 181 3.69 31.20 2.47
C LEU B 181 4.93 30.45 1.99
N TYR B 182 4.77 29.69 0.91
CA TYR B 182 5.87 28.95 0.35
C TYR B 182 6.63 29.78 -0.67
N SER B 183 7.89 29.41 -0.89
CA SER B 183 8.74 30.07 -1.86
C SER B 183 9.73 29.05 -2.41
N LEU B 184 10.04 29.18 -3.70
CA LEU B 184 11.06 28.35 -4.32
C LEU B 184 11.63 29.09 -5.51
N SER B 185 12.70 28.52 -6.06
CA SER B 185 13.32 29.01 -7.29
C SER B 185 13.61 27.84 -8.21
N SER B 186 13.41 28.06 -9.50
CA SER B 186 13.84 27.15 -10.54
C SER B 186 14.91 27.86 -11.35
N VAL B 187 16.03 27.17 -11.60
CA VAL B 187 17.12 27.75 -12.34
C VAL B 187 17.54 26.80 -13.46
N VAL B 188 18.15 27.36 -14.49
CA VAL B 188 18.73 26.59 -15.59
C VAL B 188 20.02 27.27 -16.04
N THR B 189 21.02 26.47 -16.36
CA THR B 189 22.25 26.96 -16.96
C THR B 189 22.19 26.72 -18.47
N VAL B 190 22.42 27.79 -19.23
CA VAL B 190 22.40 27.73 -20.69
C VAL B 190 23.68 28.35 -21.22
N PRO B 191 24.08 27.99 -22.44
CA PRO B 191 25.28 28.60 -23.03
C PRO B 191 25.14 30.10 -23.17
N SER B 192 26.25 30.82 -22.92
CA SER B 192 26.22 32.27 -22.94
C SER B 192 25.95 32.83 -24.33
N SER B 193 26.31 32.10 -25.38
CA SER B 193 26.09 32.56 -26.74
C SER B 193 24.62 32.62 -27.11
N SER B 194 23.73 32.07 -26.29
CA SER B 194 22.32 31.92 -26.62
C SER B 194 21.43 32.97 -25.99
N LEU B 195 21.98 33.88 -25.19
CA LEU B 195 21.14 34.81 -24.43
C LEU B 195 20.43 35.81 -25.34
N GLY B 196 21.07 36.21 -26.44
CA GLY B 196 20.45 37.16 -27.34
C GLY B 196 19.62 36.49 -28.42
N THR B 197 19.97 35.25 -28.76
CA THR B 197 19.33 34.55 -29.87
C THR B 197 18.10 33.75 -29.45
N GLN B 198 18.14 33.10 -28.29
CA GLN B 198 17.09 32.19 -27.87
C GLN B 198 16.29 32.79 -26.71
N THR B 199 14.97 32.58 -26.74
CA THR B 199 14.10 33.06 -25.68
C THR B 199 13.92 31.98 -24.61
N TYR B 200 13.78 32.40 -23.36
CA TYR B 200 13.69 31.50 -22.22
C TYR B 200 12.48 31.86 -21.37
N ILE B 201 11.53 30.95 -21.29
CA ILE B 201 10.27 31.17 -20.58
C ILE B 201 10.11 30.06 -19.54
N CYS B 202 9.81 30.46 -18.30
CA CYS B 202 9.45 29.51 -17.26
C CYS B 202 7.94 29.44 -17.16
N ASN B 203 7.40 28.23 -17.11
CA ASN B 203 5.97 28.00 -17.05
C ASN B 203 5.64 27.55 -15.64
N VAL B 204 4.99 28.41 -14.87
CA VAL B 204 4.67 28.13 -13.47
C VAL B 204 3.17 27.85 -13.37
N ASN B 205 2.83 26.70 -12.80
CA ASN B 205 1.44 26.29 -12.59
C ASN B 205 1.22 26.08 -11.11
N HIS B 206 0.19 26.74 -10.57
CA HIS B 206 -0.28 26.50 -9.20
C HIS B 206 -1.73 26.05 -9.31
N LYS B 207 -1.92 24.75 -9.55
CA LYS B 207 -3.26 24.21 -9.73
C LYS B 207 -4.21 24.47 -8.56
N PRO B 208 -3.77 24.55 -7.30
CA PRO B 208 -4.72 24.91 -6.23
C PRO B 208 -5.37 26.29 -6.39
N SER B 209 -4.74 27.21 -7.13
CA SER B 209 -5.34 28.50 -7.43
C SER B 209 -5.65 28.67 -8.91
N ASN B 210 -5.43 27.62 -9.72
CA ASN B 210 -5.63 27.64 -11.16
C ASN B 210 -5.02 28.88 -11.81
N THR B 211 -3.86 29.30 -11.31
CA THR B 211 -3.09 30.38 -11.90
C THR B 211 -1.98 29.79 -12.77
N LYS B 212 -1.92 30.24 -14.02
CA LYS B 212 -0.88 29.85 -14.96
C LYS B 212 -0.12 31.11 -15.34
N VAL B 213 1.19 31.12 -15.09
CA VAL B 213 2.03 32.27 -15.38
C VAL B 213 3.20 31.82 -16.23
N ASP B 214 3.40 32.52 -17.35
CA ASP B 214 4.59 32.38 -18.18
C ASP B 214 5.40 33.65 -18.03
N LYS B 215 6.67 33.51 -17.68
CA LYS B 215 7.57 34.66 -17.51
C LYS B 215 8.77 34.51 -18.43
N LYS B 216 8.93 35.48 -19.33
CA LYS B 216 10.15 35.59 -20.11
C LYS B 216 11.28 36.06 -19.20
N VAL B 217 12.39 35.32 -19.22
CA VAL B 217 13.60 35.71 -18.50
C VAL B 217 14.62 36.15 -19.53
N GLU B 218 15.06 37.40 -19.43
CA GLU B 218 16.02 37.96 -20.37
C GLU B 218 16.91 38.92 -19.62
N PRO B 219 18.12 39.16 -20.12
CA PRO B 219 19.04 40.07 -19.43
C PRO B 219 18.44 41.46 -19.26
N LYS B 220 18.87 42.15 -18.22
CA LYS B 220 18.40 43.50 -17.96
C LYS B 220 19.19 44.51 -18.81
N SER B 221 18.64 45.71 -18.91
CA SER B 221 19.18 46.79 -19.75
C SER B 221 20.69 46.92 -19.70
N GLN C 1 2.53 -4.98 12.60
CA GLN C 1 1.94 -3.65 12.44
C GLN C 1 2.91 -2.58 12.92
N SER C 2 4.13 -2.99 13.24
CA SER C 2 5.21 -2.06 13.57
C SER C 2 6.12 -1.90 12.36
N ALA C 3 6.66 -0.70 12.20
CA ALA C 3 7.42 -0.35 11.00
C ALA C 3 8.64 -1.27 10.86
N LEU C 4 9.03 -1.48 9.60
CA LEU C 4 10.23 -2.25 9.27
C LEU C 4 11.45 -1.35 9.22
N THR C 5 12.56 -1.84 9.76
CA THR C 5 13.75 -1.03 10.01
C THR C 5 14.72 -1.21 8.85
N GLN C 6 14.88 -0.14 8.07
CA GLN C 6 15.90 0.01 7.05
C GLN C 6 16.91 1.07 7.47
N PRO C 7 18.17 0.96 7.03
CA PRO C 7 19.12 2.04 7.30
C PRO C 7 18.66 3.33 6.62
N ALA C 8 18.81 4.44 7.36
CA ALA C 8 18.31 5.72 6.86
C ALA C 8 19.00 6.13 5.56
N SER C 9 20.24 5.69 5.37
CA SER C 9 21.01 6.11 4.19
C SER C 9 22.07 5.08 3.88
N VAL C 10 22.32 4.91 2.58
CA VAL C 10 23.34 4.00 2.07
C VAL C 10 24.06 4.72 0.94
N SER C 11 25.38 4.61 0.92
CA SER C 11 26.19 5.22 -0.13
C SER C 11 27.15 4.20 -0.72
N GLY C 12 27.53 4.43 -1.98
CA GLY C 12 28.44 3.54 -2.66
C GLY C 12 29.07 4.22 -3.84
N SER C 13 30.28 3.80 -4.18
CA SER C 13 30.99 4.35 -5.33
C SER C 13 30.40 3.81 -6.63
N PRO C 14 30.59 4.52 -7.74
CA PRO C 14 30.01 4.04 -9.01
C PRO C 14 30.65 2.72 -9.44
N GLY C 15 29.83 1.86 -10.04
CA GLY C 15 30.25 0.53 -10.40
C GLY C 15 30.30 -0.46 -9.25
N GLN C 16 30.19 0.01 -8.00
CA GLN C 16 30.23 -0.88 -6.85
C GLN C 16 28.91 -1.63 -6.69
N SER C 17 28.83 -2.39 -5.60
CA SER C 17 27.60 -3.04 -5.17
C SER C 17 27.31 -2.63 -3.75
N ILE C 18 26.04 -2.28 -3.48
CA ILE C 18 25.60 -1.96 -2.13
C ILE C 18 24.36 -2.79 -1.83
N THR C 19 24.05 -2.88 -0.54
CA THR C 19 22.92 -3.67 -0.06
C THR C 19 22.12 -2.85 0.93
N ILE C 20 20.80 -2.95 0.85
CA ILE C 20 19.89 -2.26 1.74
C ILE C 20 19.18 -3.30 2.60
N SER C 21 19.28 -3.15 3.92
CA SER C 21 18.71 -4.10 4.86
C SER C 21 17.27 -3.73 5.21
N CYS C 22 16.48 -4.76 5.48
CA CYS C 22 15.06 -4.60 5.82
C CYS C 22 14.70 -5.65 6.84
N THR C 23 14.51 -5.25 8.09
CA THR C 23 14.35 -6.17 9.21
C THR C 23 12.96 -6.03 9.81
N GLY C 24 12.31 -7.16 10.06
CA GLY C 24 11.03 -7.21 10.72
C GLY C 24 11.03 -8.24 11.84
N THR C 25 9.88 -8.83 12.08
CA THR C 25 9.76 -9.82 13.09
C THR C 25 9.47 -11.13 12.43
N SER C 26 9.32 -12.16 13.23
CA SER C 26 9.01 -13.47 12.71
C SER C 26 7.65 -13.45 12.07
N SER C 27 6.75 -12.64 12.59
CA SER C 27 5.39 -12.58 12.10
C SER C 27 5.15 -11.96 10.74
N ASP C 28 6.17 -11.35 10.15
CA ASP C 28 6.06 -10.69 8.84
C ASP C 28 7.13 -11.19 7.88
N VAL C 29 8.32 -10.60 7.95
CA VAL C 29 9.40 -11.00 7.05
C VAL C 29 9.70 -12.48 7.18
N GLY C 30 9.64 -13.01 8.41
CA GLY C 30 9.97 -14.40 8.63
C GLY C 30 8.91 -15.37 8.13
N SER C 31 7.64 -14.95 8.11
CA SER C 31 6.55 -15.90 7.85
C SER C 31 6.31 -16.08 6.35
N TYR C 32 6.36 -15.02 5.57
CA TYR C 32 5.91 -15.04 4.19
C TYR C 32 7.02 -14.58 3.25
N ASN C 33 7.17 -15.29 2.14
CA ASN C 33 8.02 -14.85 1.03
C ASN C 33 7.27 -13.83 0.17
N LEU C 34 6.96 -12.70 0.80
CA LEU C 34 6.12 -11.67 0.22
C LEU C 34 6.74 -10.29 0.38
N VAL C 35 8.06 -10.20 0.28
CA VAL C 35 8.76 -8.93 0.39
C VAL C 35 8.87 -8.32 -1.00
N SER C 36 8.50 -7.04 -1.11
CA SER C 36 8.63 -6.28 -2.33
C SER C 36 9.48 -5.05 -2.08
N TRP C 37 10.08 -4.53 -3.15
CA TRP C 37 10.96 -3.37 -3.07
C TRP C 37 10.51 -2.31 -4.05
N TYR C 38 10.56 -1.05 -3.61
CA TYR C 38 10.09 0.08 -4.40
C TYR C 38 11.15 1.16 -4.44
N GLN C 39 11.28 1.80 -5.59
CA GLN C 39 12.29 2.84 -5.82
C GLN C 39 11.57 4.15 -6.11
N GLN C 40 11.89 5.18 -5.32
CA GLN C 40 11.21 6.47 -5.40
C GLN C 40 12.23 7.56 -5.72
N HIS C 41 12.18 8.08 -6.92
CA HIS C 41 13.00 9.23 -7.26
C HIS C 41 12.32 10.50 -6.74
N PRO C 42 13.09 11.56 -6.50
CA PRO C 42 12.51 12.80 -5.95
C PRO C 42 11.31 13.27 -6.76
N ASP C 43 10.22 13.58 -6.03
CA ASP C 43 9.00 14.19 -6.58
C ASP C 43 8.23 13.25 -7.49
N LYS C 44 8.40 11.93 -7.34
CA LYS C 44 7.75 10.97 -8.22
C LYS C 44 7.18 9.82 -7.41
N ALA C 45 6.17 9.17 -7.98
CA ALA C 45 5.58 8.00 -7.35
C ALA C 45 6.60 6.86 -7.30
N PRO C 46 6.49 5.98 -6.31
CA PRO C 46 7.43 4.85 -6.23
C PRO C 46 7.27 3.90 -7.41
N LYS C 47 8.34 3.15 -7.68
CA LYS C 47 8.38 2.20 -8.78
C LYS C 47 8.56 0.78 -8.23
N PHE C 48 7.71 -0.13 -8.71
CA PHE C 48 7.77 -1.53 -8.33
C PHE C 48 9.05 -2.16 -8.88
N MET C 49 9.88 -2.70 -8.00
CA MET C 49 11.20 -3.22 -8.39
C MET C 49 11.39 -4.70 -8.13
N ILE C 50 11.00 -5.20 -6.96
CA ILE C 50 11.22 -6.58 -6.56
C ILE C 50 9.90 -7.11 -5.98
N TYR C 51 9.67 -8.41 -6.15
CA TYR C 51 8.53 -9.05 -5.50
C TYR C 51 8.87 -10.51 -5.20
N GLU C 52 8.11 -11.09 -4.28
CA GLU C 52 8.41 -12.43 -3.73
C GLU C 52 9.86 -12.53 -3.27
N GLY C 53 10.39 -11.41 -2.78
CA GLY C 53 11.73 -11.42 -2.22
C GLY C 53 12.81 -11.24 -3.27
N THR C 54 12.75 -12.03 -4.35
CA THR C 54 13.86 -12.10 -5.30
C THR C 54 13.48 -11.95 -6.76
N LYS C 55 12.20 -11.81 -7.10
CA LYS C 55 11.83 -11.75 -8.52
C LYS C 55 11.81 -10.29 -9.00
N ARG C 56 11.97 -10.12 -10.31
CA ARG C 56 11.99 -8.81 -10.94
C ARG C 56 10.83 -8.69 -11.92
N PRO C 57 9.95 -7.70 -11.78
CA PRO C 57 8.97 -7.45 -12.84
C PRO C 57 9.68 -7.07 -14.14
N SER C 58 9.16 -7.59 -15.25
CA SER C 58 9.74 -7.34 -16.56
C SER C 58 9.89 -5.85 -16.80
N GLY C 59 11.14 -5.39 -16.90
CA GLY C 59 11.43 -3.98 -17.05
C GLY C 59 12.48 -3.47 -16.09
N VAL C 60 12.77 -4.26 -15.06
CA VAL C 60 13.72 -3.86 -14.02
C VAL C 60 15.08 -4.47 -14.35
N SER C 61 16.13 -3.67 -14.17
CA SER C 61 17.48 -4.09 -14.52
C SER C 61 17.91 -5.31 -13.71
N ASN C 62 18.78 -6.12 -14.31
CA ASN C 62 19.21 -7.38 -13.71
C ASN C 62 20.22 -7.21 -12.59
N ARG C 63 20.69 -5.99 -12.32
CA ARG C 63 21.59 -5.75 -11.20
C ARG C 63 20.86 -5.52 -9.90
N PHE C 64 19.54 -5.34 -9.94
CA PHE C 64 18.71 -5.36 -8.75
C PHE C 64 18.44 -6.81 -8.37
N SER C 65 19.00 -7.26 -7.25
CA SER C 65 18.80 -8.61 -6.78
C SER C 65 18.10 -8.59 -5.42
N GLY C 66 17.49 -9.71 -5.07
CA GLY C 66 16.79 -9.85 -3.82
C GLY C 66 17.39 -10.97 -2.97
N SER C 67 17.50 -10.71 -1.67
CA SER C 67 18.05 -11.68 -0.73
C SER C 67 17.22 -11.67 0.55
N LYS C 68 17.31 -12.77 1.29
CA LYS C 68 16.52 -12.95 2.49
C LYS C 68 17.22 -13.93 3.41
N SER C 69 17.32 -13.58 4.69
CA SER C 69 18.00 -14.43 5.66
C SER C 69 17.33 -14.23 7.02
N GLY C 70 16.57 -15.22 7.46
CA GLY C 70 15.88 -15.10 8.74
C GLY C 70 14.82 -14.03 8.67
N ASN C 71 14.94 -13.01 9.52
CA ASN C 71 13.96 -11.94 9.64
C ASN C 71 14.38 -10.68 8.90
N THR C 72 15.38 -10.77 8.01
CA THR C 72 15.89 -9.61 7.29
C THR C 72 15.86 -9.89 5.79
N ALA C 73 15.18 -9.03 5.04
CA ALA C 73 15.27 -9.03 3.59
C ALA C 73 16.38 -8.07 3.16
N SER C 74 16.87 -8.26 1.94
CA SER C 74 17.95 -7.43 1.44
C SER C 74 17.76 -7.13 -0.04
N LEU C 75 17.91 -5.86 -0.40
CA LEU C 75 18.01 -5.44 -1.79
C LEU C 75 19.48 -5.17 -2.10
N THR C 76 19.95 -5.69 -3.23
CA THR C 76 21.32 -5.51 -3.66
C THR C 76 21.33 -4.87 -5.04
N ILE C 77 21.95 -3.69 -5.14
CA ILE C 77 22.15 -3.00 -6.41
C ILE C 77 23.59 -3.22 -6.81
N SER C 78 23.81 -3.77 -7.99
CA SER C 78 25.16 -3.97 -8.51
C SER C 78 25.39 -3.04 -9.71
N GLY C 79 26.66 -2.87 -10.05
CA GLY C 79 27.01 -1.93 -11.12
C GLY C 79 26.45 -0.54 -10.90
N LEU C 80 26.59 -0.02 -9.67
CA LEU C 80 25.88 1.17 -9.23
C LEU C 80 26.10 2.33 -10.20
N GLN C 81 25.03 3.09 -10.44
CA GLN C 81 25.04 4.20 -11.38
C GLN C 81 24.35 5.40 -10.74
N ALA C 82 24.39 6.53 -11.45
CA ALA C 82 23.78 7.74 -10.94
C ALA C 82 22.26 7.66 -10.92
N GLU C 83 21.67 6.94 -11.88
CA GLU C 83 20.21 6.82 -11.95
C GLU C 83 19.65 6.02 -10.79
N ASP C 84 20.50 5.33 -10.02
CA ASP C 84 20.06 4.56 -8.87
C ASP C 84 19.87 5.41 -7.62
N GLU C 85 20.22 6.69 -7.66
CA GLU C 85 19.98 7.59 -6.54
C GLU C 85 18.49 7.77 -6.36
N ALA C 86 17.97 7.31 -5.23
CA ALA C 86 16.54 7.38 -4.94
C ALA C 86 16.35 6.93 -3.50
N ASP C 87 15.09 6.91 -3.07
CA ASP C 87 14.70 6.33 -1.80
C ASP C 87 14.12 4.94 -2.07
N TYR C 88 14.58 3.96 -1.31
CA TYR C 88 14.15 2.57 -1.48
C TYR C 88 13.36 2.13 -0.26
N TYR C 89 12.17 1.59 -0.51
CA TYR C 89 11.30 1.08 0.54
C TYR C 89 11.07 -0.41 0.32
N CYS C 90 11.10 -1.16 1.42
CA CYS C 90 10.70 -2.56 1.43
C CYS C 90 9.30 -2.68 2.03
N CYS C 91 8.64 -3.78 1.68
CA CYS C 91 7.28 -4.02 2.11
C CYS C 91 7.11 -5.52 2.36
N SER C 92 6.37 -5.87 3.41
CA SER C 92 6.17 -7.27 3.75
C SER C 92 4.73 -7.48 4.17
N TYR C 93 4.21 -8.67 3.88
CA TYR C 93 2.97 -9.10 4.49
C TYR C 93 3.19 -9.34 5.98
N ALA C 94 2.20 -8.98 6.78
CA ALA C 94 2.29 -9.12 8.22
C ALA C 94 1.20 -10.00 8.81
N GLY C 95 0.45 -10.69 7.97
CA GLY C 95 -0.64 -11.49 8.46
C GLY C 95 -1.86 -10.64 8.54
N ASN C 96 -3.01 -11.26 8.70
CA ASN C 96 -4.24 -10.52 8.86
C ASN C 96 -4.50 -9.48 7.84
N SER C 97 -4.27 -9.77 6.59
CA SER C 97 -4.60 -8.84 5.53
C SER C 97 -3.92 -7.49 5.72
N THR C 98 -2.70 -7.51 6.23
CA THR C 98 -1.98 -6.27 6.46
C THR C 98 -0.63 -6.14 5.80
N TRP C 99 -0.47 -5.08 5.02
CA TRP C 99 0.85 -4.81 4.49
C TRP C 99 1.53 -3.78 5.38
N VAL C 100 2.86 -3.83 5.41
CA VAL C 100 3.65 -2.98 6.29
C VAL C 100 4.95 -2.64 5.60
N PHE C 101 5.26 -1.35 5.54
CA PHE C 101 6.39 -0.80 4.81
C PHE C 101 7.60 -0.65 5.73
N GLY C 102 8.74 -0.33 5.13
CA GLY C 102 9.94 0.00 5.86
C GLY C 102 10.11 1.50 6.00
N GLY C 103 11.13 1.88 6.78
CA GLY C 103 11.40 3.29 7.00
C GLY C 103 11.95 4.01 5.79
N GLY C 104 12.48 3.26 4.83
CA GLY C 104 13.07 3.90 3.65
C GLY C 104 14.56 4.12 3.81
N THR C 105 15.27 4.00 2.70
CA THR C 105 16.72 4.19 2.66
C THR C 105 17.07 5.11 1.51
N LYS C 106 17.84 6.16 1.81
CA LYS C 106 18.31 7.08 0.78
C LYS C 106 19.64 6.58 0.22
N LEU C 107 19.68 6.33 -1.08
CA LEU C 107 20.90 5.87 -1.74
C LEU C 107 21.63 7.08 -2.31
N THR C 108 22.89 7.22 -1.90
CA THR C 108 23.77 8.28 -2.38
C THR C 108 24.88 7.66 -3.21
N VAL C 109 25.09 8.19 -4.41
CA VAL C 109 26.22 7.77 -5.24
C VAL C 109 27.42 8.64 -4.92
N LEU C 110 28.51 8.00 -4.50
CA LEU C 110 29.76 8.72 -4.28
C LEU C 110 30.35 9.09 -5.63
N ARG C 111 30.96 10.28 -5.69
CA ARG C 111 31.63 10.73 -6.90
C ARG C 111 32.81 11.59 -6.50
N THR C 112 33.48 12.16 -7.49
CA THR C 112 34.61 13.03 -7.23
C THR C 112 34.13 14.39 -6.74
N VAL C 113 35.04 15.09 -6.05
CA VAL C 113 34.75 16.43 -5.58
C VAL C 113 34.48 17.34 -6.78
N ALA C 114 33.41 18.11 -6.70
CA ALA C 114 33.07 19.08 -7.74
C ALA C 114 32.81 20.42 -7.07
N ALA C 115 33.56 21.44 -7.49
CA ALA C 115 33.35 22.79 -6.99
C ALA C 115 32.10 23.40 -7.61
N PRO C 116 31.42 24.27 -6.88
CA PRO C 116 30.19 24.88 -7.41
C PRO C 116 30.49 26.08 -8.29
N SER C 117 29.61 26.29 -9.26
CA SER C 117 29.56 27.54 -10.01
CA SER C 117 29.57 27.55 -9.99
C SER C 117 28.60 28.48 -9.29
N VAL C 118 29.09 29.65 -8.88
CA VAL C 118 28.32 30.58 -8.06
C VAL C 118 27.76 31.68 -8.94
N PHE C 119 26.47 31.95 -8.78
CA PHE C 119 25.79 33.05 -9.45
C PHE C 119 24.98 33.82 -8.42
N ILE C 120 24.89 35.13 -8.60
CA ILE C 120 24.14 35.98 -7.70
C ILE C 120 23.13 36.79 -8.52
N PHE C 121 21.91 36.91 -8.00
CA PHE C 121 20.83 37.56 -8.73
C PHE C 121 20.27 38.69 -7.87
N PRO C 122 20.23 39.93 -8.36
CA PRO C 122 19.54 41.00 -7.64
C PRO C 122 18.04 40.87 -7.82
N PRO C 123 17.25 41.54 -6.99
CA PRO C 123 15.79 41.43 -7.12
C PRO C 123 15.29 42.11 -8.40
N SER C 124 14.26 41.51 -8.99
CA SER C 124 13.66 42.07 -10.19
C SER C 124 12.96 43.38 -9.85
N ASP C 125 13.04 44.34 -10.78
CA ASP C 125 12.37 45.63 -10.60
C ASP C 125 10.89 45.43 -10.29
N GLU C 126 10.26 44.42 -10.88
CA GLU C 126 8.86 44.14 -10.61
C GLU C 126 8.63 43.89 -9.12
N GLN C 127 9.56 43.20 -8.47
CA GLN C 127 9.37 42.87 -7.06
C GLN C 127 9.60 44.06 -6.15
N LEU C 128 10.55 44.94 -6.49
CA LEU C 128 10.78 46.13 -5.67
C LEU C 128 9.54 47.01 -5.59
N LYS C 129 8.79 47.10 -6.69
CA LYS C 129 7.57 47.91 -6.72
C LYS C 129 6.64 47.55 -5.56
N SER C 130 6.56 46.26 -5.24
CA SER C 130 5.66 45.76 -4.21
C SER C 130 6.22 45.85 -2.81
N GLY C 131 7.47 46.28 -2.64
CA GLY C 131 8.01 46.61 -1.34
C GLY C 131 8.91 45.57 -0.68
N THR C 132 9.33 44.54 -1.41
CA THR C 132 10.19 43.51 -0.87
C THR C 132 11.29 43.17 -1.87
N ALA C 133 12.51 42.98 -1.38
CA ALA C 133 13.66 42.64 -2.21
C ALA C 133 14.16 41.26 -1.82
N SER C 134 14.15 40.34 -2.77
CA SER C 134 14.71 38.99 -2.60
C SER C 134 16.00 38.91 -3.41
N VAL C 135 17.09 38.58 -2.73
CA VAL C 135 18.40 38.41 -3.36
C VAL C 135 18.76 36.93 -3.31
N VAL C 136 19.05 36.36 -4.48
CA VAL C 136 19.21 34.92 -4.64
C VAL C 136 20.65 34.62 -5.01
N CYS C 137 21.24 33.64 -4.33
CA CYS C 137 22.57 33.14 -4.65
C CYS C 137 22.47 31.66 -5.01
N LEU C 138 22.94 31.32 -6.21
CA LEU C 138 22.88 29.95 -6.70
C LEU C 138 24.25 29.28 -6.58
N LEU C 139 24.29 28.09 -6.02
CA LEU C 139 25.51 27.30 -5.97
C LEU C 139 25.15 26.13 -6.83
N ASN C 140 25.84 25.95 -7.94
CA ASN C 140 25.47 24.93 -8.89
C ASN C 140 26.40 23.78 -9.12
N ASN C 141 25.86 22.59 -9.17
CA ASN C 141 26.63 21.39 -9.48
C ASN C 141 27.85 21.07 -8.67
N PHE C 142 27.64 20.85 -7.37
CA PHE C 142 28.78 20.62 -6.48
C PHE C 142 28.78 19.36 -5.64
N TYR C 143 29.94 18.73 -5.50
CA TYR C 143 30.06 17.57 -4.62
C TYR C 143 31.30 17.78 -3.76
N PRO C 144 31.21 17.54 -2.44
CA PRO C 144 30.08 16.97 -1.70
C PRO C 144 29.00 17.97 -1.38
N ARG C 145 28.03 17.56 -0.59
CA ARG C 145 26.89 18.43 -0.25
C ARG C 145 27.17 19.54 0.72
N GLU C 146 28.16 19.34 1.55
CA GLU C 146 28.50 20.35 2.55
C GLU C 146 28.99 21.64 1.88
N ALA C 147 28.38 22.76 2.25
CA ALA C 147 28.77 24.05 1.70
C ALA C 147 28.41 25.13 2.72
N LYS C 148 29.12 26.25 2.65
CA LYS C 148 28.81 27.42 3.45
C LYS C 148 28.51 28.59 2.54
N VAL C 149 27.37 29.25 2.77
CA VAL C 149 26.99 30.45 2.02
C VAL C 149 26.82 31.57 3.04
N GLN C 150 27.43 32.71 2.75
CA GLN C 150 27.37 33.87 3.62
C GLN C 150 26.98 35.10 2.82
N TRP C 151 26.14 35.92 3.40
CA TRP C 151 25.72 37.18 2.80
C TRP C 151 26.48 38.32 3.46
N LYS C 152 27.06 39.21 2.66
CA LYS C 152 27.77 40.37 3.18
C LYS C 152 27.29 41.60 2.43
N VAL C 153 26.72 42.55 3.16
CA VAL C 153 26.11 43.75 2.61
C VAL C 153 26.94 44.94 3.06
N ASP C 154 27.48 45.67 2.09
CA ASP C 154 28.51 46.69 2.34
C ASP C 154 29.58 46.16 3.29
N ASN C 155 30.02 44.92 3.02
CA ASN C 155 31.06 44.20 3.73
C ASN C 155 30.68 43.78 5.14
N ALA C 156 29.42 43.93 5.53
CA ALA C 156 28.97 43.48 6.85
C ALA C 156 28.23 42.15 6.73
N LEU C 157 28.66 41.17 7.54
CA LEU C 157 28.05 39.85 7.51
C LEU C 157 26.60 39.93 8.00
N GLN C 158 25.66 39.51 7.14
CA GLN C 158 24.25 39.47 7.48
C GLN C 158 23.91 38.10 8.07
N SER C 159 23.07 38.10 9.11
CA SER C 159 22.65 36.87 9.76
C SER C 159 21.18 36.94 10.12
N GLY C 160 20.47 35.85 9.84
CA GLY C 160 19.10 35.69 10.29
C GLY C 160 18.01 36.09 9.31
N ASN C 161 18.37 36.50 8.10
CA ASN C 161 17.38 36.89 7.10
C ASN C 161 17.65 36.18 5.77
N SER C 162 18.12 34.94 5.84
CA SER C 162 18.36 34.15 4.64
C SER C 162 17.94 32.71 4.88
N GLN C 163 17.47 32.06 3.81
CA GLN C 163 17.06 30.67 3.85
C GLN C 163 17.72 29.93 2.69
N GLU C 164 17.96 28.63 2.89
CA GLU C 164 18.59 27.80 1.88
C GLU C 164 17.68 26.67 1.45
N SER C 165 17.89 26.21 0.22
CA SER C 165 17.24 25.02 -0.29
C SER C 165 18.26 24.22 -1.08
N VAL C 166 18.19 22.90 -0.98
CA VAL C 166 19.16 22.01 -1.62
C VAL C 166 18.38 20.98 -2.44
N THR C 167 18.82 20.76 -3.67
CA THR C 167 18.25 19.70 -4.48
C THR C 167 18.80 18.35 -4.03
N GLU C 168 18.05 17.30 -4.31
CA GLU C 168 18.58 15.96 -4.12
C GLU C 168 19.66 15.70 -5.17
N GLN C 169 20.37 14.59 -4.99
CA GLN C 169 21.45 14.24 -5.91
C GLN C 169 20.92 14.10 -7.34
N ASP C 170 21.63 14.69 -8.28
CA ASP C 170 21.19 14.71 -9.67
C ASP C 170 21.35 13.33 -10.31
N SER C 171 20.40 12.96 -11.17
CA SER C 171 20.33 11.60 -11.68
C SER C 171 21.31 11.33 -12.82
N LYS C 172 21.94 12.36 -13.37
CA LYS C 172 22.98 12.17 -14.38
C LYS C 172 24.42 12.46 -13.87
N ASP C 173 24.64 13.61 -13.21
CA ASP C 173 25.99 13.99 -12.71
C ASP C 173 26.38 13.71 -11.27
N SER C 174 25.45 13.27 -10.44
CA SER C 174 25.71 12.96 -9.05
C SER C 174 26.03 14.16 -8.16
N THR C 175 25.69 15.37 -8.59
CA THR C 175 25.94 16.60 -7.85
C THR C 175 24.66 17.15 -7.22
N TYR C 176 24.86 18.14 -6.35
CA TYR C 176 23.80 18.87 -5.69
C TYR C 176 23.81 20.32 -6.13
N SER C 177 22.71 21.01 -5.86
CA SER C 177 22.62 22.45 -6.10
C SER C 177 21.93 23.09 -4.90
N LEU C 178 22.28 24.35 -4.65
CA LEU C 178 21.78 25.04 -3.47
C LEU C 178 21.42 26.47 -3.82
N SER C 179 20.24 26.90 -3.38
CA SER C 179 19.82 28.29 -3.48
C SER C 179 19.84 28.92 -2.10
N SER C 180 20.33 30.15 -2.02
CA SER C 180 20.27 30.94 -0.81
C SER C 180 19.57 32.26 -1.13
N THR C 181 18.47 32.53 -0.42
CA THR C 181 17.65 33.70 -0.65
C THR C 181 17.76 34.65 0.54
N LEU C 182 18.14 35.90 0.26
CA LEU C 182 18.22 36.96 1.26
C LEU C 182 17.06 37.92 1.06
N THR C 183 16.17 37.99 2.05
CA THR C 183 14.98 38.81 1.95
C THR C 183 15.15 40.08 2.77
N LEU C 184 14.99 41.23 2.13
CA LEU C 184 15.00 42.53 2.78
C LEU C 184 13.77 43.31 2.34
N SER C 185 13.37 44.26 3.18
CA SER C 185 12.38 45.22 2.77
C SER C 185 12.97 46.14 1.70
N LYS C 186 12.10 46.71 0.88
CA LYS C 186 12.56 47.64 -0.16
C LYS C 186 13.32 48.80 0.45
N ALA C 187 12.92 49.24 1.65
CA ALA C 187 13.62 50.34 2.32
C ALA C 187 15.02 49.93 2.74
N ASP C 188 15.15 48.73 3.35
CA ASP C 188 16.47 48.24 3.73
C ASP C 188 17.35 48.00 2.51
N TYR C 189 16.76 47.47 1.43
CA TYR C 189 17.54 47.14 0.24
C TYR C 189 18.25 48.36 -0.32
N GLU C 190 17.61 49.52 -0.30
CA GLU C 190 18.17 50.73 -0.87
C GLU C 190 19.10 51.47 0.08
N LYS C 191 19.16 51.06 1.36
CA LYS C 191 20.13 51.64 2.28
C LYS C 191 21.56 51.23 1.97
N HIS C 192 21.76 50.26 1.07
CA HIS C 192 23.05 49.62 0.92
C HIS C 192 23.39 49.50 -0.57
N LYS C 193 24.67 49.27 -0.85
CA LYS C 193 25.18 49.30 -2.21
C LYS C 193 25.66 47.93 -2.69
N VAL C 194 26.62 47.33 -1.99
CA VAL C 194 27.28 46.10 -2.44
C VAL C 194 26.64 44.91 -1.75
N TYR C 195 26.08 44.00 -2.55
CA TYR C 195 25.48 42.77 -2.06
C TYR C 195 26.36 41.61 -2.53
N ALA C 196 26.82 40.80 -1.59
CA ALA C 196 27.86 39.83 -1.88
C ALA C 196 27.51 38.45 -1.32
N CYS C 197 27.60 37.45 -2.19
CA CYS C 197 27.52 36.05 -1.80
C CYS C 197 28.93 35.49 -1.64
N GLU C 198 29.15 34.75 -0.56
CA GLU C 198 30.47 34.19 -0.27
C GLU C 198 30.32 32.71 0.00
N VAL C 199 30.97 31.89 -0.83
CA VAL C 199 30.74 30.45 -0.87
C VAL C 199 31.99 29.71 -0.44
N THR C 200 31.84 28.77 0.50
CA THR C 200 32.93 27.93 0.97
C THR C 200 32.59 26.48 0.66
N HIS C 201 33.50 25.79 -0.06
CA HIS C 201 33.25 24.41 -0.44
C HIS C 201 34.58 23.68 -0.59
N GLN C 202 34.57 22.39 -0.24
CA GLN C 202 35.76 21.55 -0.28
C GLN C 202 36.45 21.57 -1.64
N GLY C 203 35.70 21.77 -2.72
CA GLY C 203 36.28 21.81 -4.04
C GLY C 203 36.98 23.10 -4.41
N LEU C 204 36.76 24.17 -3.66
CA LEU C 204 37.33 25.47 -3.96
C LEU C 204 38.68 25.62 -3.24
N SER C 205 39.68 26.10 -3.98
CA SER C 205 40.97 26.42 -3.37
C SER C 205 40.80 27.37 -2.19
N SER C 206 40.01 28.42 -2.39
CA SER C 206 39.67 29.38 -1.35
C SER C 206 38.29 29.94 -1.67
N PRO C 207 37.56 30.45 -0.67
CA PRO C 207 36.16 30.82 -0.90
C PRO C 207 35.97 31.75 -2.09
N VAL C 208 34.84 31.58 -2.78
CA VAL C 208 34.46 32.37 -3.94
C VAL C 208 33.43 33.41 -3.52
N THR C 209 33.54 34.61 -4.07
CA THR C 209 32.59 35.69 -3.82
C THR C 209 32.02 36.17 -5.15
N LYS C 210 30.70 36.37 -5.17
CA LYS C 210 30.02 36.99 -6.30
C LYS C 210 29.21 38.15 -5.76
N SER C 211 29.31 39.31 -6.42
CA SER C 211 28.70 40.52 -5.89
C SER C 211 28.19 41.40 -7.01
N PHE C 212 27.29 42.32 -6.65
CA PHE C 212 26.77 43.33 -7.55
C PHE C 212 26.56 44.62 -6.77
N ASN C 213 26.52 45.73 -7.50
CA ASN C 213 26.18 47.03 -6.93
C ASN C 213 24.74 47.35 -7.26
N ARG C 214 23.96 47.71 -6.25
CA ARG C 214 22.54 47.98 -6.45
C ARG C 214 22.35 49.14 -7.43
N GLY C 215 21.49 48.92 -8.42
CA GLY C 215 21.22 49.94 -9.42
C GLY C 215 22.32 50.07 -10.44
N GLU C 216 22.79 48.92 -10.95
CA GLU C 216 23.82 48.88 -11.99
C GLU C 216 23.50 47.73 -12.92
N CYS C 217 23.12 48.04 -14.15
CA CYS C 217 22.74 47.03 -15.14
C CYS C 217 23.86 46.04 -15.42
C1 NAG D . -26.53 -45.74 25.37
C2 NAG D . -27.03 -47.19 25.51
C3 NAG D . -28.38 -47.24 26.24
C4 NAG D . -28.33 -46.43 27.53
C5 NAG D . -27.79 -45.03 27.25
C6 NAG D . -27.63 -44.17 28.48
C7 NAG D . -27.82 -47.41 23.17
C8 NAG D . -27.75 -48.26 21.94
N2 NAG D . -27.12 -47.86 24.22
O3 NAG D . -28.70 -48.61 26.50
O4 NAG D . -29.64 -46.28 28.09
O5 NAG D . -26.50 -45.14 26.64
O6 NAG D . -27.21 -44.91 29.61
O7 NAG D . -28.48 -46.39 23.22
C1 NAG D . -30.00 -47.34 28.98
C2 NAG D . -30.98 -46.79 30.03
C3 NAG D . -31.54 -47.91 30.90
C4 NAG D . -32.11 -49.04 30.05
C5 NAG D . -31.04 -49.52 29.07
C6 NAG D . -31.54 -50.60 28.13
C7 NAG D . -30.77 -44.52 30.98
C8 NAG D . -29.96 -43.64 31.88
N2 NAG D . -30.32 -45.78 30.85
O3 NAG D . -32.56 -47.40 31.74
O4 NAG D . -32.52 -50.12 30.88
O5 NAG D . -30.61 -48.42 28.26
O6 NAG D . -32.73 -50.20 27.48
O7 NAG D . -31.78 -44.13 30.42
C1 NAG E . -3.95 -11.41 13.48
C2 NAG E . -2.79 -12.34 13.92
C3 NAG E . -3.14 -13.08 15.21
C4 NAG E . -3.72 -12.15 16.26
C5 NAG E . -4.82 -11.29 15.66
C6 NAG E . -5.43 -10.29 16.63
C7 NAG E . -1.36 -13.26 12.12
C8 NAG E . -1.22 -14.34 11.08
N2 NAG E . -2.48 -13.29 12.85
O3 NAG E . -1.96 -13.70 15.73
O4 NAG E . -4.24 -12.92 17.35
O5 NAG E . -4.29 -10.55 14.56
O6 NAG E . -4.46 -9.74 17.53
O7 NAG E . -0.50 -12.42 12.30
NA NA F . 14.09 9.17 4.03
#